data_4CDW
#
_entry.id   4CDW
#
_cell.length_a   599.660
_cell.length_b   599.660
_cell.length_c   599.660
_cell.angle_alpha   90.00
_cell.angle_beta   90.00
_cell.angle_gamma   90.00
#
_symmetry.space_group_name_H-M   'I 2 3'
#
loop_
_entity.id
_entity.type
_entity.pdbx_description
1 polymer VP1
2 polymer VP2
3 polymer VP3
4 polymer VP4
5 non-polymer 1-[(3S)-5-(4-iodanylphenoxy)-3-methyl-pentyl]-3-pyridin-4-yl-imidazolidin-2-one
6 non-polymer 'SODIUM ION'
7 water water
#
loop_
_entity_poly.entity_id
_entity_poly.type
_entity_poly.pdbx_seq_one_letter_code
_entity_poly.pdbx_strand_id
1 'polypeptide(L)'
;GDRVADVIESSIGDSVSRALTHALPAPTGQNTQVSSHRLDTGKVPALQAAEIGASSNASDESMIETRCVLNSHSTAETTL
DSFFSRAGLVGEIDLPLKGTTNPNGYANWDIDITGYAQMRRKVELFTYMRFDAEFTFVACTPTGEVVPQLLQYMFVPPGA
PKPDSRESLAWQTATNPSVFVKLSDPPAQVSVPFMSPASAYQWFYDGYPTFGEHKQEKDLEYGACPNNMMGTFSVRTVGT
SKSKYPLVVRIYMRMKHVRAWIPRPMRNQNYLFKANPNYAGNSIKPTGASRTAITTL
;
A
2 'polypeptide(L)'
;SPSAEACGYSDRVAQLTIGNSTITTQEAANIIVGYGEWPSYCSDSDATAVDKPTRPDVSVNRFYTLDTKLWEKSSKGWYW
KFPDVLTETGVFGQNAQFHYLYRSGFCIHVQCNASKFHQGALLVAVLPEYVIGTVAGGTGTEDTHPPYKQTQPGADGFEL
QHPYVLDAGIPISQLTVCPHQWINLRTNNCATIIVPYINALPFDSALNHCNFGLLVVPISPLDYDQGATPVIPITITLAP
MCSEFAGLRQAVTQ
;
B
3 'polypeptide(L)'
;GFPTELKPGTNQFLTTDDGVSAPILPNFHPTPCIHIPGEVRNLLELCQVETILEVNNVPTNATSLMERLRFPVSAQAGKG
ELCAVFRADPGRNGPWQSTLLGQLCGYYTQWSGSLEVTFMFTGSFMATGKMLIAYTPPGGPLPKDRATAMLGTHVIWDFG
LQSSVTLVIPWISNTHYRAHARDGVFDYYTTGLVSIWYQTNYVVPIGAPNTAYIIALAAAQKNFTMKLCKDASDILQTGT
IQ
;
C
4 'polypeptide(L)' MGSQVSTQRSGSHENSNSATEGSTINYTTINYYKDSYAATAGKQSLKQDPDKFANPVKDIFTEMAAPLK D
#
# COMPACT_ATOMS: atom_id res chain seq x y z
N GLY A 1 28.32 25.71 -27.58
CA GLY A 1 27.22 26.72 -27.57
C GLY A 1 25.91 26.22 -28.15
N ASP A 2 24.80 26.81 -27.72
CA ASP A 2 23.46 26.44 -28.18
C ASP A 2 22.84 27.63 -28.92
N ARG A 3 22.47 27.44 -30.19
CA ARG A 3 21.90 28.51 -30.99
C ARG A 3 20.45 28.33 -31.46
N VAL A 4 20.08 27.14 -31.92
CA VAL A 4 18.71 26.92 -32.39
C VAL A 4 17.72 27.06 -31.24
N ALA A 5 16.63 27.78 -31.51
CA ALA A 5 15.63 28.04 -30.49
C ALA A 5 15.08 26.83 -29.72
N ASP A 6 14.68 25.75 -30.40
CA ASP A 6 14.13 24.60 -29.68
C ASP A 6 15.04 24.03 -28.60
N VAL A 7 16.35 24.21 -28.76
CA VAL A 7 17.30 23.71 -27.76
C VAL A 7 17.35 24.66 -26.56
N ILE A 8 17.46 25.95 -26.84
CA ILE A 8 17.50 26.97 -25.80
C ILE A 8 16.29 26.91 -24.87
N GLU A 9 15.11 26.74 -25.45
CA GLU A 9 13.87 26.69 -24.68
C GLU A 9 13.43 25.32 -24.20
N SER A 10 14.22 24.28 -24.41
CA SER A 10 13.79 22.95 -23.98
C SER A 10 13.93 22.79 -22.47
N SER A 11 13.19 21.84 -21.91
CA SER A 11 13.19 21.55 -20.49
C SER A 11 13.93 20.23 -20.24
N ILE A 12 14.62 19.76 -21.27
CA ILE A 12 15.38 18.52 -21.18
C ILE A 12 16.51 18.72 -20.18
N GLY A 13 16.43 18.03 -19.04
CA GLY A 13 17.48 18.17 -18.05
C GLY A 13 17.01 18.68 -16.69
N ASP A 14 15.75 19.09 -16.60
CA ASP A 14 15.21 19.60 -15.33
C ASP A 14 15.22 18.49 -14.27
N SER A 15 16.06 18.66 -13.25
CA SER A 15 16.18 17.68 -12.17
C SER A 15 15.29 18.02 -10.97
N VAL A 16 14.65 19.19 -11.04
CA VAL A 16 13.76 19.65 -9.98
C VAL A 16 12.38 19.05 -10.19
N SER A 17 12.07 17.99 -9.44
CA SER A 17 10.78 17.33 -9.55
C SER A 17 9.67 18.18 -8.93
N ARG A 18 8.86 18.81 -9.77
CA ARG A 18 7.76 19.66 -9.29
C ARG A 18 6.80 18.84 -8.42
N ALA A 19 6.53 19.33 -7.22
CA ALA A 19 5.63 18.66 -6.30
C ALA A 19 4.31 19.42 -6.21
N LEU A 20 3.19 18.71 -6.18
CA LEU A 20 1.87 19.34 -6.10
C LEU A 20 1.35 19.46 -4.67
N THR A 21 1.98 18.75 -3.73
CA THR A 21 1.53 18.78 -2.34
C THR A 21 2.70 18.97 -1.37
N HIS A 22 2.43 19.63 -0.25
CA HIS A 22 3.47 19.82 0.76
C HIS A 22 2.93 19.42 2.12
N ALA A 23 3.81 18.87 2.97
CA ALA A 23 3.42 18.43 4.29
C ALA A 23 3.26 19.59 5.27
N LEU A 24 2.20 19.53 6.06
CA LEU A 24 1.92 20.56 7.04
C LEU A 24 2.00 19.90 8.41
N PRO A 25 2.20 20.69 9.46
CA PRO A 25 2.28 20.16 10.82
C PRO A 25 0.88 19.78 11.34
N ALA A 26 0.76 18.59 11.88
CA ALA A 26 -0.52 18.11 12.40
C ALA A 26 -0.28 17.28 13.66
N PRO A 27 0.01 17.95 14.77
CA PRO A 27 0.26 17.29 16.05
C PRO A 27 -1.01 16.78 16.71
N THR A 28 -2.13 17.41 16.37
CA THR A 28 -3.44 17.01 16.91
C THR A 28 -4.48 16.88 15.82
N GLY A 29 -5.59 16.24 16.16
CA GLY A 29 -6.67 16.08 15.22
C GLY A 29 -7.28 17.45 14.97
N GLN A 30 -7.78 17.63 13.75
CA GLN A 30 -8.39 18.90 13.36
C GLN A 30 -9.59 19.21 14.23
N ASN A 31 -9.78 20.49 14.53
CA ASN A 31 -10.90 20.89 15.34
C ASN A 31 -12.15 20.98 14.50
N THR A 32 -13.29 21.13 15.16
CA THR A 32 -14.55 21.26 14.46
C THR A 32 -14.99 22.70 14.70
N GLN A 33 -15.43 23.35 13.63
CA GLN A 33 -15.89 24.75 13.73
C GLN A 33 -17.41 24.78 13.77
N VAL A 34 -17.96 25.89 14.26
CA VAL A 34 -19.41 26.02 14.33
C VAL A 34 -19.95 26.18 12.93
N SER A 35 -21.18 25.74 12.70
CA SER A 35 -21.80 25.88 11.38
C SER A 35 -23.31 25.99 11.54
N SER A 36 -23.96 26.56 10.54
CA SER A 36 -25.41 26.70 10.58
C SER A 36 -26.05 26.22 9.30
N HIS A 37 -27.37 26.37 9.22
CA HIS A 37 -28.09 25.95 8.04
C HIS A 37 -27.69 26.78 6.84
N ARG A 38 -27.60 26.11 5.70
CA ARG A 38 -27.26 26.73 4.43
C ARG A 38 -28.27 26.22 3.41
N LEU A 39 -29.01 27.14 2.80
CA LEU A 39 -30.00 26.78 1.79
C LEU A 39 -29.62 27.41 0.46
N ASP A 40 -28.46 27.02 -0.06
CA ASP A 40 -27.94 27.57 -1.31
C ASP A 40 -28.03 26.72 -2.56
N THR A 41 -27.94 27.40 -3.71
CA THR A 41 -27.94 26.78 -5.03
C THR A 41 -26.50 26.99 -5.49
N GLY A 42 -26.00 26.11 -6.36
CA GLY A 42 -24.62 26.26 -6.83
C GLY A 42 -23.63 25.60 -5.88
N LYS A 43 -23.89 25.72 -4.59
CA LYS A 43 -23.03 25.12 -3.56
C LYS A 43 -23.49 23.68 -3.35
N VAL A 44 -22.56 22.73 -3.41
CA VAL A 44 -22.92 21.34 -3.22
C VAL A 44 -21.74 20.44 -2.80
N PRO A 45 -21.32 20.55 -1.52
CA PRO A 45 -20.22 19.81 -0.91
C PRO A 45 -20.45 18.30 -0.87
N ALA A 46 -21.72 17.92 -0.65
CA ALA A 46 -22.11 16.53 -0.55
C ALA A 46 -21.92 15.76 -1.84
N LEU A 47 -22.04 16.46 -2.97
CA LEU A 47 -21.88 15.81 -4.26
C LEU A 47 -20.41 15.74 -4.67
N GLN A 48 -19.99 14.53 -5.04
CA GLN A 48 -18.62 14.27 -5.45
C GLN A 48 -18.56 13.50 -6.77
N ALA A 49 -17.34 13.28 -7.25
CA ALA A 49 -17.13 12.53 -8.48
C ALA A 49 -15.92 11.62 -8.25
N ALA A 50 -16.16 10.50 -7.58
CA ALA A 50 -15.13 9.53 -7.25
C ALA A 50 -14.30 9.10 -8.45
N GLU A 51 -14.86 9.24 -9.65
CA GLU A 51 -14.13 8.85 -10.85
C GLU A 51 -12.79 9.58 -10.94
N ILE A 52 -12.77 10.83 -10.52
CA ILE A 52 -11.56 11.64 -10.57
C ILE A 52 -10.36 10.95 -9.93
N GLY A 53 -10.62 10.16 -8.89
CA GLY A 53 -9.54 9.44 -8.23
C GLY A 53 -9.18 10.00 -6.86
N ALA A 54 -9.86 11.05 -6.44
CA ALA A 54 -9.57 11.67 -5.15
C ALA A 54 -10.66 11.35 -4.15
N SER A 55 -10.29 11.44 -2.87
CA SER A 55 -11.23 11.17 -1.80
C SER A 55 -12.13 12.39 -1.62
N SER A 56 -13.26 12.18 -0.97
CA SER A 56 -14.21 13.26 -0.75
C SER A 56 -13.62 14.38 0.07
N ASN A 57 -13.98 15.61 -0.28
CA ASN A 57 -13.52 16.79 0.42
C ASN A 57 -14.61 17.30 1.37
N ALA A 58 -15.76 16.64 1.36
CA ALA A 58 -16.88 17.03 2.22
C ALA A 58 -16.50 16.87 3.68
N SER A 59 -16.81 17.88 4.48
CA SER A 59 -16.49 17.87 5.90
C SER A 59 -17.74 17.90 6.78
N ASP A 60 -17.55 17.60 8.05
CA ASP A 60 -18.64 17.60 9.02
C ASP A 60 -19.40 18.91 8.97
N GLU A 61 -18.68 20.03 9.07
CA GLU A 61 -19.28 21.37 9.06
C GLU A 61 -20.27 21.62 7.92
N SER A 62 -19.95 21.10 6.74
CA SER A 62 -20.79 21.30 5.56
C SER A 62 -21.95 20.33 5.38
N MET A 63 -21.99 19.26 6.17
CA MET A 63 -23.07 18.28 6.04
C MET A 63 -24.11 18.36 7.15
N ILE A 64 -23.73 18.94 8.29
CA ILE A 64 -24.66 19.09 9.41
C ILE A 64 -24.31 20.30 10.27
N GLU A 65 -25.24 20.76 11.09
CA GLU A 65 -24.95 21.89 11.96
C GLU A 65 -24.09 21.34 13.10
N THR A 66 -22.86 21.83 13.16
CA THR A 66 -21.90 21.41 14.16
C THR A 66 -21.63 22.49 15.20
N ARG A 67 -21.10 22.07 16.34
CA ARG A 67 -20.74 22.98 17.42
C ARG A 67 -19.23 23.16 17.28
N CYS A 68 -18.64 23.90 18.21
CA CYS A 68 -17.20 24.07 18.17
C CYS A 68 -16.59 23.01 19.05
N VAL A 69 -15.54 22.35 18.57
CA VAL A 69 -14.87 21.33 19.37
C VAL A 69 -13.37 21.51 19.25
N LEU A 70 -12.71 21.76 20.37
CA LEU A 70 -11.26 21.93 20.38
C LEU A 70 -10.63 20.58 20.57
N ASN A 71 -10.18 20.02 19.45
CA ASN A 71 -9.58 18.70 19.46
C ASN A 71 -8.09 18.75 19.79
N SER A 72 -7.76 18.13 20.92
CA SER A 72 -6.38 18.06 21.39
C SER A 72 -5.84 16.63 21.34
N HIS A 73 -6.56 15.72 20.68
CA HIS A 73 -6.14 14.33 20.56
C HIS A 73 -4.84 14.28 19.75
N SER A 74 -3.83 13.59 20.26
CA SER A 74 -2.53 13.51 19.58
C SER A 74 -2.46 12.52 18.43
N THR A 75 -1.58 12.84 17.48
CA THR A 75 -1.34 12.03 16.29
C THR A 75 0.03 11.37 16.39
N ALA A 76 0.67 11.51 17.54
CA ALA A 76 2.00 10.98 17.76
C ALA A 76 2.18 9.46 17.68
N GLU A 77 1.21 8.70 18.16
CA GLU A 77 1.35 7.24 18.14
C GLU A 77 1.15 6.57 16.79
N THR A 78 0.93 7.36 15.74
CA THR A 78 0.74 6.78 14.41
C THR A 78 1.87 7.12 13.45
N THR A 79 2.98 7.60 13.99
CA THR A 79 4.14 7.93 13.15
C THR A 79 4.80 6.60 12.81
N LEU A 80 5.65 6.58 11.79
CA LEU A 80 6.30 5.34 11.42
C LEU A 80 7.09 4.70 12.56
N ASP A 81 7.95 5.46 13.23
CA ASP A 81 8.71 4.89 14.35
C ASP A 81 7.79 4.34 15.43
N SER A 82 6.72 5.06 15.75
CA SER A 82 5.79 4.60 16.79
C SER A 82 5.20 3.25 16.46
N PHE A 83 4.91 3.06 15.18
CA PHE A 83 4.31 1.83 14.68
C PHE A 83 5.24 0.63 14.58
N PHE A 84 6.42 0.86 14.01
CA PHE A 84 7.41 -0.19 13.80
C PHE A 84 8.44 -0.46 14.89
N SER A 85 8.76 0.57 15.66
CA SER A 85 9.78 0.42 16.70
C SER A 85 9.28 -0.37 17.90
N ARG A 86 8.90 -1.60 17.64
CA ARG A 86 8.41 -2.53 18.64
C ARG A 86 9.02 -3.87 18.26
N ALA A 87 9.86 -4.39 19.15
CA ALA A 87 10.54 -5.64 18.90
C ALA A 87 9.57 -6.81 18.70
N GLY A 88 9.79 -7.57 17.64
CA GLY A 88 8.96 -8.72 17.34
C GLY A 88 9.82 -9.87 16.83
N LEU A 89 9.30 -11.09 16.94
CA LEU A 89 10.03 -12.28 16.51
C LEU A 89 10.20 -12.34 14.99
N VAL A 90 11.43 -12.56 14.53
CA VAL A 90 11.70 -12.65 13.10
C VAL A 90 12.53 -13.87 12.73
N GLY A 91 12.99 -14.60 13.76
CA GLY A 91 13.78 -15.80 13.51
C GLY A 91 13.89 -16.71 14.73
N GLU A 92 13.96 -18.01 14.48
CA GLU A 92 14.14 -19.03 15.52
C GLU A 92 15.21 -19.98 14.99
N ILE A 93 16.22 -20.26 15.82
CA ILE A 93 17.30 -21.15 15.43
C ILE A 93 17.45 -22.26 16.43
N ASP A 94 17.30 -23.50 15.99
CA ASP A 94 17.41 -24.65 16.86
C ASP A 94 18.79 -25.31 16.84
N LEU A 95 19.29 -25.64 18.02
CA LEU A 95 20.58 -26.31 18.15
C LEU A 95 20.37 -27.52 19.07
N PRO A 96 19.68 -28.55 18.57
CA PRO A 96 19.40 -29.77 19.32
C PRO A 96 20.61 -30.69 19.44
N LEU A 97 20.56 -31.59 20.40
CA LEU A 97 21.65 -32.53 20.62
C LEU A 97 21.51 -33.65 19.60
N LYS A 98 20.52 -34.50 19.82
CA LYS A 98 20.23 -35.61 18.91
C LYS A 98 19.11 -35.12 18.01
N GLY A 99 19.45 -34.83 16.76
CA GLY A 99 18.44 -34.34 15.83
C GLY A 99 18.72 -34.51 14.35
N THR A 100 17.75 -34.07 13.56
CA THR A 100 17.82 -34.15 12.10
C THR A 100 18.27 -32.83 11.49
N THR A 101 18.15 -31.75 12.24
CA THR A 101 18.53 -30.43 11.75
C THR A 101 19.98 -30.04 12.02
N ASN A 102 20.25 -29.43 13.18
CA ASN A 102 21.60 -28.99 13.51
C ASN A 102 22.21 -29.74 14.70
N PRO A 103 22.53 -31.03 14.53
CA PRO A 103 23.12 -31.86 15.59
C PRO A 103 24.63 -31.74 15.63
N ASN A 104 25.15 -30.62 15.13
CA ASN A 104 26.58 -30.41 15.08
C ASN A 104 27.04 -29.24 15.95
N GLY A 105 26.11 -28.66 16.70
CA GLY A 105 26.46 -27.56 17.59
C GLY A 105 26.63 -26.18 16.96
N TYR A 106 26.12 -26.01 15.74
CA TYR A 106 26.21 -24.73 15.07
C TYR A 106 25.09 -24.66 14.05
N ALA A 107 24.75 -23.43 13.63
CA ALA A 107 23.67 -23.24 12.68
C ALA A 107 23.83 -21.95 11.89
N ASN A 108 23.43 -21.96 10.62
CA ASN A 108 23.51 -20.77 9.77
C ASN A 108 22.09 -20.32 9.39
N TRP A 109 21.77 -19.07 9.70
CA TRP A 109 20.45 -18.53 9.41
C TRP A 109 20.50 -17.39 8.40
N ASP A 110 19.80 -17.57 7.28
CA ASP A 110 19.76 -16.53 6.26
C ASP A 110 18.92 -15.41 6.80
N ILE A 111 19.50 -14.21 6.81
CA ILE A 111 18.82 -13.05 7.33
C ILE A 111 17.65 -12.65 6.44
N ASP A 112 16.47 -13.12 6.83
CA ASP A 112 15.21 -12.87 6.15
C ASP A 112 14.14 -12.89 7.25
N ILE A 113 13.40 -11.80 7.39
CA ILE A 113 12.39 -11.71 8.43
C ILE A 113 10.99 -12.10 7.96
N THR A 114 10.86 -12.63 6.76
CA THR A 114 9.55 -12.97 6.22
C THR A 114 9.00 -14.33 6.63
N GLY A 115 9.57 -14.94 7.66
CA GLY A 115 9.08 -16.23 8.10
C GLY A 115 8.04 -16.12 9.19
N TYR A 116 7.70 -14.88 9.56
CA TYR A 116 6.72 -14.66 10.62
C TYR A 116 5.65 -13.65 10.24
N ALA A 117 4.42 -14.13 10.20
CA ALA A 117 3.28 -13.32 9.79
C ALA A 117 3.11 -11.96 10.43
N GLN A 118 3.03 -11.89 11.76
CA GLN A 118 2.82 -10.59 12.39
C GLN A 118 3.74 -9.50 11.86
N MET A 119 5.04 -9.71 11.99
CA MET A 119 6.00 -8.72 11.54
C MET A 119 5.90 -8.48 10.05
N ARG A 120 5.87 -9.57 9.28
CA ARG A 120 5.79 -9.48 7.82
C ARG A 120 4.64 -8.65 7.27
N ARG A 121 3.44 -8.85 7.80
CA ARG A 121 2.29 -8.11 7.30
C ARG A 121 2.43 -6.62 7.53
N LYS A 122 3.04 -6.24 8.66
CA LYS A 122 3.24 -4.83 8.98
C LYS A 122 4.15 -4.17 7.96
N VAL A 123 5.36 -4.69 7.77
CA VAL A 123 6.27 -4.08 6.81
C VAL A 123 5.79 -4.12 5.36
N GLU A 124 5.00 -5.13 5.00
CA GLU A 124 4.51 -5.24 3.61
C GLU A 124 3.42 -4.24 3.27
N LEU A 125 3.17 -3.31 4.17
CA LEU A 125 2.17 -2.28 3.93
C LEU A 125 2.85 -1.24 3.05
N PHE A 126 4.19 -1.27 3.05
CA PHE A 126 4.99 -0.33 2.27
C PHE A 126 5.87 -1.08 1.28
N THR A 127 6.12 -0.47 0.12
CA THR A 127 6.95 -1.09 -0.90
C THR A 127 8.44 -0.93 -0.56
N TYR A 128 8.84 0.28 -0.21
CA TYR A 128 10.24 0.55 0.12
C TYR A 128 10.35 1.03 1.56
N MET A 129 11.39 0.58 2.25
CA MET A 129 11.64 0.98 3.62
C MET A 129 13.14 1.10 3.88
N ARG A 130 13.52 2.17 4.56
CA ARG A 130 14.91 2.44 4.89
C ARG A 130 14.90 2.62 6.39
N PHE A 131 15.78 1.89 7.09
CA PHE A 131 15.80 1.99 8.54
C PHE A 131 17.02 1.33 9.18
N ASP A 132 17.23 1.63 10.45
CA ASP A 132 18.31 1.02 11.23
C ASP A 132 17.54 0.04 12.10
N ALA A 133 18.23 -0.80 12.84
CA ALA A 133 17.51 -1.76 13.67
C ALA A 133 18.28 -2.18 14.89
N GLU A 134 17.54 -2.65 15.88
CA GLU A 134 18.13 -3.14 17.12
C GLU A 134 17.75 -4.61 17.24
N PHE A 135 18.76 -5.48 17.25
CA PHE A 135 18.48 -6.90 17.37
C PHE A 135 18.75 -7.44 18.76
N THR A 136 17.82 -8.27 19.24
CA THR A 136 17.92 -8.87 20.56
C THR A 136 17.85 -10.38 20.43
N PHE A 137 18.79 -11.08 21.06
CA PHE A 137 18.85 -12.54 20.99
C PHE A 137 18.56 -13.19 22.32
N VAL A 138 17.43 -13.90 22.37
CA VAL A 138 16.99 -14.60 23.56
C VAL A 138 17.26 -16.09 23.40
N ALA A 139 18.10 -16.64 24.28
CA ALA A 139 18.47 -18.06 24.23
C ALA A 139 18.15 -18.82 25.50
N CYS A 140 17.83 -20.10 25.32
CA CYS A 140 17.50 -20.97 26.43
C CYS A 140 17.28 -22.37 25.87
N THR A 141 16.98 -23.31 26.74
CA THR A 141 16.72 -24.68 26.30
C THR A 141 15.27 -24.68 25.85
N PRO A 142 14.79 -25.81 25.30
CA PRO A 142 13.41 -25.90 24.85
C PRO A 142 12.32 -25.79 25.92
N THR A 143 12.67 -25.96 27.19
CA THR A 143 11.66 -25.84 28.24
C THR A 143 11.65 -24.42 28.75
N GLY A 144 12.62 -23.64 28.26
CA GLY A 144 12.74 -22.26 28.67
C GLY A 144 13.71 -22.15 29.83
N GLU A 145 14.52 -23.20 30.02
CA GLU A 145 15.48 -23.23 31.10
C GLU A 145 16.79 -22.52 30.74
N VAL A 146 17.45 -21.98 31.75
CA VAL A 146 18.72 -21.27 31.56
C VAL A 146 19.85 -22.16 32.04
N VAL A 147 20.83 -22.39 31.17
CA VAL A 147 21.98 -23.22 31.52
C VAL A 147 23.30 -22.50 31.23
N PRO A 148 24.36 -22.83 31.99
CA PRO A 148 25.68 -22.22 31.85
C PRO A 148 26.40 -22.64 30.57
N GLN A 149 25.91 -22.13 29.45
CA GLN A 149 26.49 -22.43 28.15
C GLN A 149 26.94 -21.14 27.50
N LEU A 150 28.11 -21.17 26.88
CA LEU A 150 28.66 -20.00 26.20
C LEU A 150 28.41 -20.14 24.72
N LEU A 151 27.91 -19.08 24.10
CA LEU A 151 27.63 -19.10 22.66
C LEU A 151 28.35 -18.00 21.92
N GLN A 152 28.47 -18.17 20.61
CA GLN A 152 29.08 -17.16 19.78
C GLN A 152 28.18 -16.90 18.58
N TYR A 153 27.77 -15.65 18.42
CA TYR A 153 26.95 -15.28 17.28
C TYR A 153 27.90 -14.53 16.35
N MET A 154 27.82 -14.78 15.04
CA MET A 154 28.68 -14.07 14.12
C MET A 154 27.94 -13.66 12.87
N PHE A 155 28.20 -12.44 12.42
CA PHE A 155 27.56 -11.92 11.23
C PHE A 155 28.45 -12.19 10.04
N VAL A 156 27.94 -12.98 9.10
CA VAL A 156 28.71 -13.32 7.92
C VAL A 156 28.12 -12.62 6.71
N PRO A 157 28.70 -11.48 6.34
CA PRO A 157 28.25 -10.70 5.19
C PRO A 157 28.47 -11.48 3.92
N PRO A 158 27.69 -11.18 2.87
CA PRO A 158 27.81 -11.87 1.58
C PRO A 158 29.24 -11.87 1.07
N GLY A 159 29.80 -13.06 0.89
CA GLY A 159 31.16 -13.14 0.41
C GLY A 159 32.16 -13.61 1.46
N ALA A 160 31.75 -13.56 2.72
CA ALA A 160 32.61 -14.00 3.80
C ALA A 160 32.34 -15.49 3.93
N PRO A 161 33.36 -16.25 4.38
CA PRO A 161 33.19 -17.69 4.53
C PRO A 161 32.18 -18.11 5.61
N LYS A 162 31.16 -18.88 5.22
CA LYS A 162 30.15 -19.38 6.15
C LYS A 162 30.75 -20.54 6.91
N PRO A 163 30.68 -20.52 8.25
CA PRO A 163 31.24 -21.65 8.98
C PRO A 163 30.55 -22.94 8.56
N ASP A 164 31.32 -24.01 8.40
CA ASP A 164 30.79 -25.31 7.98
C ASP A 164 30.75 -26.29 9.15
N SER A 165 31.17 -25.82 10.32
CA SER A 165 31.16 -26.65 11.51
C SER A 165 31.38 -25.81 12.75
N ARG A 166 31.32 -26.48 13.90
CA ARG A 166 31.50 -25.85 15.18
C ARG A 166 32.97 -25.49 15.36
N GLU A 167 33.85 -26.16 14.62
CA GLU A 167 35.29 -25.91 14.71
C GLU A 167 35.90 -25.15 13.53
N SER A 168 35.05 -24.61 12.66
CA SER A 168 35.51 -23.88 11.48
C SER A 168 36.52 -22.78 11.83
N LEU A 169 37.42 -22.52 10.91
CA LEU A 169 38.43 -21.48 11.09
C LEU A 169 37.78 -20.10 11.05
N ALA A 170 36.66 -20.01 10.35
CA ALA A 170 35.93 -18.76 10.22
C ALA A 170 35.52 -18.16 11.56
N TRP A 171 35.49 -18.96 12.62
CA TRP A 171 35.10 -18.46 13.94
C TRP A 171 36.23 -17.64 14.58
N GLN A 172 37.34 -17.49 13.85
CA GLN A 172 38.46 -16.69 14.34
C GLN A 172 37.96 -15.26 14.35
N THR A 173 36.96 -15.01 13.50
CA THR A 173 36.27 -13.73 13.36
C THR A 173 37.14 -12.47 13.45
N ALA A 174 38.23 -12.44 12.68
CA ALA A 174 39.16 -11.31 12.69
C ALA A 174 38.57 -10.01 12.14
N THR A 175 37.59 -10.13 11.24
CA THR A 175 37.00 -8.94 10.65
C THR A 175 35.48 -8.88 10.83
N ASN A 176 34.81 -10.02 10.75
CA ASN A 176 33.35 -10.08 10.93
C ASN A 176 33.00 -9.72 12.36
N PRO A 177 31.81 -9.14 12.57
CA PRO A 177 31.50 -8.83 13.96
C PRO A 177 30.92 -10.08 14.64
N SER A 178 31.39 -10.37 15.85
CA SER A 178 30.91 -11.52 16.62
C SER A 178 30.53 -11.07 18.02
N VAL A 179 29.64 -11.84 18.65
CA VAL A 179 29.19 -11.55 20.00
C VAL A 179 29.29 -12.82 20.81
N PHE A 180 30.03 -12.75 21.91
CA PHE A 180 30.18 -13.89 22.79
C PHE A 180 29.34 -13.58 24.03
N VAL A 181 28.46 -14.51 24.40
CA VAL A 181 27.60 -14.30 25.56
C VAL A 181 27.14 -15.64 26.13
N LYS A 182 26.78 -15.65 27.43
CA LYS A 182 26.31 -16.86 28.11
C LYS A 182 24.78 -16.87 28.16
N LEU A 183 24.17 -18.04 28.19
CA LEU A 183 22.70 -18.12 28.28
C LEU A 183 22.24 -17.54 29.60
N SER A 184 23.16 -17.45 30.55
CA SER A 184 22.86 -16.92 31.87
C SER A 184 22.83 -15.39 31.88
N ASP A 185 23.51 -14.76 30.92
CA ASP A 185 23.54 -13.30 30.81
C ASP A 185 22.20 -12.83 30.27
N PRO A 186 21.93 -11.53 30.31
CA PRO A 186 20.65 -11.08 29.78
C PRO A 186 20.77 -11.26 28.27
N PRO A 187 19.68 -11.06 27.53
CA PRO A 187 19.73 -11.21 26.08
C PRO A 187 20.78 -10.29 25.46
N ALA A 188 21.47 -10.78 24.44
CA ALA A 188 22.47 -9.96 23.78
C ALA A 188 21.66 -8.96 22.97
N GLN A 189 22.22 -7.78 22.72
CA GLN A 189 21.51 -6.75 21.96
C GLN A 189 22.49 -5.84 21.27
N VAL A 190 22.26 -5.56 19.99
CA VAL A 190 23.14 -4.70 19.22
C VAL A 190 22.38 -3.86 18.21
N SER A 191 23.03 -2.79 17.74
CA SER A 191 22.45 -1.90 16.76
C SER A 191 23.02 -2.24 15.39
N VAL A 192 22.14 -2.27 14.39
CA VAL A 192 22.52 -2.59 13.02
C VAL A 192 22.15 -1.40 12.14
N PRO A 193 23.04 -1.02 11.20
CA PRO A 193 22.77 0.11 10.32
C PRO A 193 21.99 -0.29 9.07
N PHE A 194 21.70 0.67 8.21
CA PHE A 194 21.01 0.37 6.97
C PHE A 194 22.10 -0.06 6.00
N MET A 195 22.16 -1.37 5.71
CA MET A 195 23.22 -1.93 4.88
C MET A 195 23.02 -2.25 3.40
N SER A 196 21.89 -1.89 2.81
CA SER A 196 21.68 -2.22 1.40
C SER A 196 22.48 -1.36 0.45
N PRO A 197 22.76 -1.88 -0.76
CA PRO A 197 23.51 -1.14 -1.76
C PRO A 197 22.52 -0.15 -2.41
N ALA A 198 21.24 -0.40 -2.17
CA ALA A 198 20.17 0.45 -2.69
C ALA A 198 19.82 1.50 -1.64
N SER A 199 19.10 2.55 -2.04
CA SER A 199 18.74 3.59 -1.09
C SER A 199 17.70 3.09 -0.09
N ALA A 200 17.18 1.90 -0.32
CA ALA A 200 16.17 1.32 0.57
C ALA A 200 15.91 -0.14 0.28
N TYR A 201 15.50 -0.88 1.31
CA TYR A 201 15.17 -2.28 1.13
C TYR A 201 13.80 -2.22 0.46
N GLN A 202 13.38 -3.30 -0.18
CA GLN A 202 12.06 -3.32 -0.78
C GLN A 202 11.51 -4.72 -0.63
N TRP A 203 10.28 -4.81 -0.11
CA TRP A 203 9.62 -6.08 0.12
C TRP A 203 9.03 -6.68 -1.13
N PHE A 204 9.06 -5.91 -2.22
CA PHE A 204 8.53 -6.39 -3.48
C PHE A 204 9.41 -5.93 -4.62
N TYR A 205 9.81 -6.87 -5.46
CA TYR A 205 10.67 -6.60 -6.60
C TYR A 205 10.09 -7.35 -7.78
N ASP A 206 9.39 -6.65 -8.66
CA ASP A 206 8.77 -7.26 -9.83
C ASP A 206 9.77 -7.37 -10.97
N GLY A 207 10.65 -8.36 -10.87
CA GLY A 207 11.65 -8.56 -11.90
C GLY A 207 12.57 -9.72 -11.59
N TYR A 208 13.60 -9.87 -12.41
CA TYR A 208 14.56 -10.94 -12.25
C TYR A 208 15.89 -10.32 -11.85
N PRO A 209 16.74 -11.08 -11.15
CA PRO A 209 18.05 -10.57 -10.73
C PRO A 209 19.11 -10.57 -11.84
N THR A 210 18.90 -11.34 -12.89
CA THR A 210 19.87 -11.40 -13.98
C THR A 210 19.26 -11.38 -15.38
N PHE A 211 20.12 -11.24 -16.37
CA PHE A 211 19.71 -11.21 -17.77
C PHE A 211 19.66 -12.64 -18.28
N GLY A 212 19.15 -12.80 -19.49
CA GLY A 212 19.08 -14.14 -20.08
C GLY A 212 17.67 -14.70 -20.21
N GLU A 213 17.59 -15.96 -20.58
CA GLU A 213 16.29 -16.62 -20.71
C GLU A 213 15.81 -16.96 -19.32
N HIS A 214 14.50 -16.87 -19.13
CA HIS A 214 13.94 -17.16 -17.83
C HIS A 214 13.03 -18.35 -17.97
N LYS A 215 13.67 -19.51 -18.16
CA LYS A 215 12.99 -20.77 -18.32
C LYS A 215 12.48 -21.30 -16.99
N GLN A 216 11.57 -22.26 -17.06
CA GLN A 216 10.96 -22.90 -15.88
C GLN A 216 11.88 -23.07 -14.68
N GLU A 217 12.96 -23.84 -14.85
CA GLU A 217 13.89 -24.10 -13.76
C GLU A 217 14.55 -22.89 -13.09
N LYS A 218 14.37 -21.71 -13.67
CA LYS A 218 14.97 -20.50 -13.09
C LYS A 218 13.90 -19.56 -12.52
N ASP A 219 12.64 -19.94 -12.60
CA ASP A 219 11.57 -19.09 -12.08
C ASP A 219 11.61 -18.97 -10.56
N LEU A 220 12.51 -19.70 -9.93
CA LEU A 220 12.64 -19.63 -8.48
C LEU A 220 13.26 -18.26 -8.17
N GLU A 221 13.87 -17.65 -9.19
CA GLU A 221 14.51 -16.36 -8.97
C GLU A 221 13.66 -15.13 -9.27
N TYR A 222 12.42 -15.32 -9.71
CA TYR A 222 11.56 -14.18 -9.97
C TYR A 222 11.23 -13.51 -8.64
N GLY A 223 11.59 -12.23 -8.51
CA GLY A 223 11.29 -11.50 -7.29
C GLY A 223 12.45 -11.45 -6.32
N ALA A 224 13.57 -12.07 -6.70
CA ALA A 224 14.74 -12.08 -5.84
C ALA A 224 15.63 -10.90 -6.11
N CYS A 225 15.79 -10.04 -5.11
CA CYS A 225 16.65 -8.89 -5.29
C CYS A 225 17.77 -8.89 -4.28
N PRO A 226 19.01 -9.09 -4.73
CA PRO A 226 20.21 -9.14 -3.88
C PRO A 226 20.32 -7.96 -2.91
N ASN A 227 19.71 -6.83 -3.27
CA ASN A 227 19.74 -5.66 -2.43
C ASN A 227 19.08 -5.89 -1.08
N ASN A 228 18.30 -6.97 -0.94
CA ASN A 228 17.61 -7.30 0.30
C ASN A 228 18.33 -8.41 1.07
N MET A 229 19.27 -9.07 0.41
CA MET A 229 20.03 -10.16 1.03
C MET A 229 21.29 -9.64 1.72
N MET A 230 21.16 -9.41 3.03
CA MET A 230 22.24 -8.86 3.84
C MET A 230 23.28 -9.85 4.36
N GLY A 231 23.06 -11.14 4.16
CA GLY A 231 24.03 -12.10 4.64
C GLY A 231 23.51 -13.18 5.56
N THR A 232 24.44 -13.83 6.26
CA THR A 232 24.11 -14.92 7.16
C THR A 232 24.45 -14.63 8.62
N PHE A 233 23.63 -15.18 9.52
CA PHE A 233 23.83 -15.03 10.96
C PHE A 233 24.16 -16.42 11.47
N SER A 234 25.38 -16.61 11.95
CA SER A 234 25.81 -17.92 12.43
C SER A 234 25.97 -17.99 13.94
N VAL A 235 25.62 -19.14 14.50
CA VAL A 235 25.70 -19.37 15.93
C VAL A 235 26.32 -20.73 16.23
N ARG A 236 27.07 -20.83 17.33
CA ARG A 236 27.70 -22.09 17.70
C ARG A 236 27.90 -22.12 19.20
N THR A 237 28.07 -23.32 19.76
CA THR A 237 28.34 -23.45 21.18
C THR A 237 29.85 -23.28 21.11
N VAL A 238 30.46 -22.59 22.07
CA VAL A 238 31.90 -22.37 22.02
C VAL A 238 32.75 -23.47 22.65
N GLY A 239 33.05 -24.49 21.84
CA GLY A 239 33.85 -25.59 22.31
C GLY A 239 34.13 -26.58 21.20
N THR A 240 35.18 -27.37 21.35
CA THR A 240 35.54 -28.36 20.34
C THR A 240 34.72 -29.65 20.55
N SER A 241 34.03 -29.71 21.67
CA SER A 241 33.20 -30.86 21.99
C SER A 241 31.74 -30.46 21.98
N LYS A 242 30.86 -31.44 21.76
CA LYS A 242 29.43 -31.15 21.69
C LYS A 242 28.92 -30.64 23.03
N SER A 243 27.98 -29.71 22.94
CA SER A 243 27.37 -29.13 24.13
C SER A 243 26.55 -30.21 24.84
N LYS A 244 26.37 -30.05 26.14
CA LYS A 244 25.61 -31.01 26.93
C LYS A 244 24.12 -30.66 26.90
N TYR A 245 23.79 -29.49 26.39
CA TYR A 245 22.40 -29.05 26.37
C TYR A 245 21.86 -28.62 25.00
N PRO A 246 20.57 -28.92 24.73
CA PRO A 246 19.89 -28.56 23.49
C PRO A 246 19.50 -27.09 23.63
N LEU A 247 19.67 -26.31 22.56
CA LEU A 247 19.37 -24.90 22.67
C LEU A 247 18.44 -24.33 21.62
N VAL A 248 17.85 -23.19 21.95
CA VAL A 248 16.95 -22.48 21.06
C VAL A 248 17.29 -21.00 21.12
N VAL A 249 17.40 -20.36 19.95
CA VAL A 249 17.72 -18.94 19.89
C VAL A 249 16.60 -18.20 19.18
N ARG A 250 15.93 -17.30 19.88
CA ARG A 250 14.87 -16.50 19.28
C ARG A 250 15.42 -15.12 18.94
N ILE A 251 15.19 -14.68 17.71
CA ILE A 251 15.70 -13.41 17.23
C ILE A 251 14.63 -12.34 17.11
N TYR A 252 14.80 -11.26 17.87
CA TYR A 252 13.83 -10.16 17.83
C TYR A 252 14.40 -8.92 17.17
N MET A 253 13.60 -8.27 16.33
CA MET A 253 14.02 -7.07 15.63
C MET A 253 13.15 -5.87 15.96
N ARG A 254 13.80 -4.75 16.27
CA ARG A 254 13.08 -3.53 16.56
C ARG A 254 13.66 -2.43 15.67
N MET A 255 12.91 -2.02 14.67
CA MET A 255 13.34 -0.99 13.75
C MET A 255 13.33 0.37 14.43
N LYS A 256 14.14 1.29 13.92
CA LYS A 256 14.22 2.64 14.45
C LYS A 256 14.77 3.54 13.36
N HIS A 257 14.38 4.82 13.37
CA HIS A 257 14.83 5.76 12.34
C HIS A 257 14.26 5.26 11.02
N VAL A 258 12.95 5.07 10.98
CA VAL A 258 12.28 4.53 9.81
C VAL A 258 11.72 5.51 8.79
N ARG A 259 11.83 5.13 7.52
CA ARG A 259 11.30 5.90 6.40
C ARG A 259 10.68 4.88 5.47
N ALA A 260 9.50 5.18 4.94
CA ALA A 260 8.80 4.28 4.05
C ALA A 260 8.17 5.00 2.87
N TRP A 261 8.07 4.31 1.74
CA TRP A 261 7.49 4.90 0.53
C TRP A 261 6.55 3.92 -0.16
N ILE A 262 5.57 4.48 -0.88
CA ILE A 262 4.61 3.70 -1.66
C ILE A 262 3.78 2.68 -0.86
N PRO A 263 2.69 3.11 -0.22
CA PRO A 263 1.88 2.16 0.54
C PRO A 263 1.15 1.20 -0.40
N ARG A 264 0.86 -0.02 0.08
CA ARG A 264 0.18 -1.05 -0.72
C ARG A 264 -0.99 -1.66 0.04
N PRO A 265 -1.84 -2.44 -0.64
CA PRO A 265 -2.96 -3.07 0.07
C PRO A 265 -2.34 -4.06 1.04
N MET A 266 -3.04 -4.37 2.13
CA MET A 266 -2.50 -5.30 3.12
C MET A 266 -2.92 -6.74 2.88
N ARG A 267 -1.98 -7.64 3.08
CA ARG A 267 -2.20 -9.08 2.90
C ARG A 267 -3.54 -9.51 3.50
N ASN A 268 -4.31 -10.31 2.76
CA ASN A 268 -5.60 -10.81 3.25
C ASN A 268 -5.75 -12.33 3.13
N GLN A 269 -4.72 -12.99 2.62
CA GLN A 269 -4.70 -14.45 2.45
C GLN A 269 -3.49 -14.94 3.25
N ASN A 270 -3.60 -16.11 3.87
CA ASN A 270 -2.48 -16.64 4.66
C ASN A 270 -1.18 -16.73 3.87
N TYR A 271 -0.07 -16.46 4.54
CA TYR A 271 1.25 -16.54 3.94
C TYR A 271 1.61 -18.02 3.83
N LEU A 272 2.43 -18.36 2.85
CA LEU A 272 2.85 -19.75 2.64
C LEU A 272 4.36 -19.89 2.59
N PHE A 273 4.99 -19.00 1.84
CA PHE A 273 6.43 -19.02 1.66
C PHE A 273 7.06 -17.65 1.90
N LYS A 274 8.32 -17.65 2.31
CA LYS A 274 9.04 -16.41 2.56
C LYS A 274 9.27 -15.62 1.27
N ALA A 275 9.86 -16.32 0.31
CA ALA A 275 10.20 -15.73 -0.98
C ALA A 275 9.11 -15.16 -1.89
N ASN A 276 7.84 -15.44 -1.63
CA ASN A 276 6.82 -14.92 -2.52
C ASN A 276 5.44 -14.70 -1.94
N PRO A 277 4.53 -14.10 -2.73
CA PRO A 277 3.16 -13.82 -2.31
C PRO A 277 2.20 -14.94 -2.65
N ASN A 278 2.74 -16.11 -3.01
CA ASN A 278 1.90 -17.26 -3.32
C ASN A 278 0.82 -17.44 -2.25
N TYR A 279 -0.37 -17.86 -2.68
CA TYR A 279 -1.50 -18.08 -1.77
C TYR A 279 -2.17 -19.39 -2.15
N ALA A 280 -2.95 -19.96 -1.24
CA ALA A 280 -3.64 -21.22 -1.53
C ALA A 280 -4.91 -20.95 -2.34
N GLY A 281 -4.88 -21.32 -3.62
CA GLY A 281 -5.99 -21.09 -4.52
C GLY A 281 -7.33 -21.72 -4.17
N ASN A 282 -7.28 -22.90 -3.57
CA ASN A 282 -8.50 -23.61 -3.18
C ASN A 282 -9.09 -23.05 -1.90
N SER A 283 -8.39 -22.11 -1.27
CA SER A 283 -8.87 -21.51 -0.03
C SER A 283 -8.82 -20.00 -0.04
N ILE A 284 -9.28 -19.38 -1.12
CA ILE A 284 -9.32 -17.93 -1.20
C ILE A 284 -10.49 -17.50 -0.33
N LYS A 285 -10.19 -16.87 0.80
CA LYS A 285 -11.24 -16.43 1.71
C LYS A 285 -11.48 -14.94 1.58
N PRO A 286 -12.68 -14.47 1.96
CA PRO A 286 -12.97 -13.03 1.86
C PRO A 286 -12.03 -12.32 2.83
N THR A 287 -11.89 -11.02 2.69
CA THR A 287 -11.02 -10.26 3.58
C THR A 287 -11.59 -10.28 5.01
N GLY A 288 -12.92 -10.41 5.13
CA GLY A 288 -13.52 -10.43 6.46
C GLY A 288 -14.82 -11.21 6.66
N ALA A 289 -15.43 -11.00 7.83
CA ALA A 289 -16.67 -11.66 8.21
C ALA A 289 -17.76 -11.42 7.16
N SER A 290 -18.68 -12.37 7.05
CA SER A 290 -19.77 -12.30 6.08
C SER A 290 -21.10 -12.46 6.81
N ARG A 291 -22.20 -12.14 6.13
CA ARG A 291 -23.53 -12.27 6.72
C ARG A 291 -24.50 -12.85 5.69
N THR A 292 -25.70 -13.19 6.15
CA THR A 292 -26.70 -13.79 5.28
C THR A 292 -27.35 -12.84 4.27
N ALA A 293 -27.72 -11.65 4.71
CA ALA A 293 -28.36 -10.71 3.80
C ALA A 293 -27.85 -9.30 4.00
N ILE A 294 -27.87 -8.54 2.91
CA ILE A 294 -27.39 -7.16 2.93
C ILE A 294 -28.33 -6.24 3.69
N THR A 295 -29.55 -6.71 3.94
CA THR A 295 -30.55 -5.91 4.67
C THR A 295 -30.71 -6.33 6.12
N THR A 296 -29.81 -7.17 6.61
CA THR A 296 -29.86 -7.63 7.99
C THR A 296 -28.49 -7.57 8.61
N LEU A 297 -28.45 -7.35 9.91
CA LEU A 297 -27.19 -7.29 10.63
C LEU A 297 -26.78 -8.71 10.99
N SER B 10 -14.82 21.94 -19.05
CA SER B 10 -13.70 22.79 -18.55
C SER B 10 -12.76 21.95 -17.69
N ASP B 11 -13.17 20.70 -17.48
CA ASP B 11 -12.42 19.73 -16.70
C ASP B 11 -12.87 18.40 -17.31
N ARG B 12 -13.84 18.50 -18.20
CA ARG B 12 -14.42 17.37 -18.90
C ARG B 12 -13.72 17.20 -20.25
N VAL B 13 -13.30 18.33 -20.83
CA VAL B 13 -12.61 18.33 -22.12
C VAL B 13 -11.10 18.38 -21.89
N ALA B 14 -10.32 17.81 -22.81
CA ALA B 14 -8.87 17.83 -22.65
C ALA B 14 -8.09 17.40 -23.89
N GLN B 15 -6.87 17.91 -23.99
CA GLN B 15 -5.97 17.57 -25.09
C GLN B 15 -4.58 17.28 -24.53
N LEU B 16 -4.00 16.16 -24.92
CA LEU B 16 -2.67 15.79 -24.45
C LEU B 16 -1.77 15.71 -25.66
N THR B 17 -0.83 16.63 -25.74
CA THR B 17 0.09 16.67 -26.86
C THR B 17 1.53 16.49 -26.37
N ILE B 18 2.22 15.50 -26.90
CA ILE B 18 3.60 15.24 -26.55
C ILE B 18 4.23 14.52 -27.72
N GLY B 19 5.38 15.04 -28.17
CA GLY B 19 6.04 14.44 -29.32
C GLY B 19 5.24 14.81 -30.56
N ASN B 20 4.98 13.85 -31.44
CA ASN B 20 4.22 14.12 -32.65
C ASN B 20 2.84 13.52 -32.51
N SER B 21 2.39 13.36 -31.27
CA SER B 21 1.10 12.76 -31.00
C SER B 21 0.20 13.64 -30.12
N THR B 22 -1.09 13.63 -30.43
CA THR B 22 -2.07 14.42 -29.70
C THR B 22 -3.31 13.59 -29.38
N ILE B 23 -3.76 13.64 -28.14
CA ILE B 23 -4.95 12.90 -27.72
C ILE B 23 -6.05 13.87 -27.33
N THR B 24 -7.30 13.53 -27.64
CA THR B 24 -8.42 14.38 -27.27
C THR B 24 -9.47 13.56 -26.53
N THR B 25 -10.28 14.24 -25.72
CA THR B 25 -11.36 13.60 -24.98
C THR B 25 -12.36 14.67 -24.59
N GLN B 26 -13.64 14.35 -24.73
CA GLN B 26 -14.68 15.31 -24.39
C GLN B 26 -15.48 14.85 -23.19
N GLU B 27 -15.02 13.77 -22.56
CA GLU B 27 -15.66 13.23 -21.37
C GLU B 27 -14.60 12.66 -20.43
N ALA B 28 -13.79 13.57 -19.91
CA ALA B 28 -12.70 13.24 -19.00
C ALA B 28 -13.11 13.49 -17.55
N ALA B 29 -12.30 13.02 -16.61
CA ALA B 29 -12.58 13.22 -15.20
C ALA B 29 -11.32 13.73 -14.53
N ASN B 30 -10.76 14.80 -15.10
CA ASN B 30 -9.54 15.40 -14.58
C ASN B 30 -8.33 14.50 -14.83
N ILE B 31 -7.19 14.87 -14.27
CA ILE B 31 -5.96 14.12 -14.43
C ILE B 31 -5.30 13.85 -13.09
N ILE B 32 -4.79 12.64 -12.91
CA ILE B 32 -4.13 12.25 -11.68
C ILE B 32 -2.62 12.29 -11.86
N VAL B 33 -1.93 12.91 -10.90
CA VAL B 33 -0.48 12.95 -10.93
C VAL B 33 -0.03 12.13 -9.73
N GLY B 34 0.35 10.89 -10.01
CA GLY B 34 0.76 9.97 -8.96
C GLY B 34 1.67 10.48 -7.86
N TYR B 35 1.30 10.19 -6.63
CA TYR B 35 2.09 10.57 -5.45
C TYR B 35 2.42 12.05 -5.41
N GLY B 36 1.64 12.83 -6.14
CA GLY B 36 1.81 14.26 -6.15
C GLY B 36 3.00 14.84 -6.87
N GLU B 37 3.71 14.07 -7.68
CA GLU B 37 4.84 14.67 -8.36
C GLU B 37 5.07 14.31 -9.81
N TRP B 38 5.51 15.31 -10.56
CA TRP B 38 5.79 15.17 -11.97
C TRP B 38 7.11 14.49 -12.26
N PRO B 39 7.18 13.79 -13.40
CA PRO B 39 8.38 13.08 -13.80
C PRO B 39 9.50 14.11 -13.94
N SER B 40 10.71 13.73 -13.53
CA SER B 40 11.84 14.63 -13.64
C SER B 40 13.08 13.82 -14.01
N TYR B 41 14.07 14.46 -14.66
CA TYR B 41 15.29 13.78 -15.03
C TYR B 41 16.12 13.57 -13.77
N CYS B 42 17.00 12.57 -13.78
CA CYS B 42 17.81 12.30 -12.60
C CYS B 42 18.85 13.38 -12.32
N SER B 43 18.84 13.89 -11.09
CA SER B 43 19.78 14.95 -10.67
C SER B 43 21.21 14.43 -10.57
N ASP B 44 22.17 15.36 -10.61
CA ASP B 44 23.58 15.00 -10.52
C ASP B 44 24.00 14.46 -9.14
N SER B 45 23.14 14.60 -8.14
CA SER B 45 23.46 14.13 -6.80
C SER B 45 22.90 12.73 -6.51
N ASP B 46 21.78 12.39 -7.13
CA ASP B 46 21.15 11.07 -6.97
C ASP B 46 21.83 10.08 -7.91
N ALA B 47 22.32 10.59 -9.04
CA ALA B 47 22.98 9.77 -10.03
C ALA B 47 24.23 9.10 -9.46
N THR B 48 24.64 8.00 -10.09
CA THR B 48 25.83 7.29 -9.66
C THR B 48 26.64 6.88 -10.88
N ALA B 49 25.96 6.45 -11.94
CA ALA B 49 26.63 6.07 -13.18
C ALA B 49 27.32 7.32 -13.71
N VAL B 50 28.53 7.18 -14.22
CA VAL B 50 29.29 8.33 -14.70
C VAL B 50 29.19 8.73 -16.17
N ASP B 51 28.82 7.78 -17.04
CA ASP B 51 28.73 8.11 -18.45
C ASP B 51 27.62 9.13 -18.74
N LYS B 52 27.82 9.95 -19.77
CA LYS B 52 26.82 10.95 -20.12
C LYS B 52 25.60 10.22 -20.68
N PRO B 53 24.42 10.54 -20.16
CA PRO B 53 23.22 9.86 -20.65
C PRO B 53 22.77 10.39 -22.01
N THR B 54 21.86 9.66 -22.65
CA THR B 54 21.30 10.05 -23.93
C THR B 54 19.83 10.33 -23.60
N ARG B 55 19.33 11.46 -24.06
CA ARG B 55 17.94 11.84 -23.78
C ARG B 55 17.25 12.15 -25.10
N PRO B 56 16.89 11.10 -25.86
CA PRO B 56 16.23 11.14 -27.16
C PRO B 56 15.12 12.20 -27.31
N ASP B 57 14.42 12.49 -26.22
CA ASP B 57 13.34 13.48 -26.21
C ASP B 57 12.14 13.06 -27.08
N VAL B 58 11.79 13.88 -28.07
CA VAL B 58 10.64 13.61 -28.94
C VAL B 58 10.53 12.25 -29.64
N SER B 59 11.65 11.65 -30.01
CA SER B 59 11.58 10.37 -30.69
C SER B 59 11.09 9.22 -29.81
N VAL B 60 11.18 9.39 -28.49
CA VAL B 60 10.75 8.33 -27.57
C VAL B 60 9.64 8.73 -26.59
N ASN B 61 9.58 10.01 -26.24
CA ASN B 61 8.54 10.49 -25.33
C ASN B 61 7.36 10.96 -26.18
N ARG B 62 6.50 10.01 -26.53
CA ARG B 62 5.34 10.27 -27.35
C ARG B 62 4.29 9.22 -27.02
N PHE B 63 3.09 9.37 -27.56
CA PHE B 63 2.03 8.41 -27.26
C PHE B 63 2.08 7.19 -28.16
N TYR B 64 2.11 6.03 -27.52
CA TYR B 64 2.12 4.75 -28.22
C TYR B 64 0.80 4.05 -27.89
N THR B 65 0.09 3.55 -28.91
CA THR B 65 -1.17 2.83 -28.69
C THR B 65 -0.90 1.35 -28.95
N LEU B 66 -0.58 0.64 -27.87
CA LEU B 66 -0.21 -0.76 -27.94
C LEU B 66 -1.24 -1.88 -27.95
N ASP B 67 -2.36 -1.73 -27.24
CA ASP B 67 -3.27 -2.87 -27.20
C ASP B 67 -4.73 -2.52 -26.97
N THR B 68 -5.61 -3.41 -27.41
CA THR B 68 -7.05 -3.23 -27.25
C THR B 68 -7.69 -4.53 -26.77
N LYS B 69 -8.43 -4.45 -25.67
CA LYS B 69 -9.11 -5.61 -25.11
C LYS B 69 -10.60 -5.34 -25.25
N LEU B 70 -11.40 -6.40 -25.14
CA LEU B 70 -12.84 -6.27 -25.26
C LEU B 70 -13.50 -6.47 -23.92
N TRP B 71 -14.24 -5.46 -23.46
CA TRP B 71 -14.92 -5.53 -22.18
C TRP B 71 -16.19 -6.33 -22.35
N GLU B 72 -16.37 -7.33 -21.48
CA GLU B 72 -17.56 -8.16 -21.57
C GLU B 72 -18.27 -8.30 -20.24
N LYS B 73 -19.50 -8.78 -20.31
CA LYS B 73 -20.31 -8.93 -19.13
C LYS B 73 -19.66 -9.87 -18.10
N SER B 74 -18.60 -10.57 -18.52
CA SER B 74 -17.94 -11.49 -17.60
C SER B 74 -16.43 -11.34 -17.51
N SER B 75 -15.90 -10.24 -18.04
CA SER B 75 -14.45 -10.02 -18.01
C SER B 75 -13.97 -9.99 -16.56
N LYS B 76 -12.74 -10.43 -16.33
CA LYS B 76 -12.22 -10.42 -14.97
C LYS B 76 -11.29 -9.24 -14.69
N GLY B 77 -10.57 -8.80 -15.72
CA GLY B 77 -9.64 -7.70 -15.56
C GLY B 77 -8.30 -8.07 -16.15
N TRP B 78 -7.45 -7.07 -16.40
CA TRP B 78 -6.15 -7.34 -16.99
C TRP B 78 -5.06 -6.47 -16.38
N TYR B 79 -3.82 -6.77 -16.72
CA TYR B 79 -2.70 -5.98 -16.24
C TYR B 79 -1.55 -5.97 -17.25
N TRP B 80 -0.79 -4.90 -17.25
CA TRP B 80 0.35 -4.75 -18.14
C TRP B 80 1.49 -4.31 -17.25
N LYS B 81 2.72 -4.64 -17.63
CA LYS B 81 3.85 -4.23 -16.81
C LYS B 81 4.65 -3.18 -17.56
N PHE B 82 5.15 -2.18 -16.83
CA PHE B 82 5.95 -1.12 -17.43
C PHE B 82 7.39 -1.20 -16.89
N PRO B 83 8.40 -0.96 -17.74
CA PRO B 83 8.32 -0.63 -19.17
C PRO B 83 8.27 -1.85 -20.11
N ASP B 84 7.91 -3.01 -19.58
CA ASP B 84 7.84 -4.22 -20.39
C ASP B 84 7.02 -4.03 -21.67
N VAL B 85 5.86 -3.39 -21.57
CA VAL B 85 5.00 -3.19 -22.71
C VAL B 85 5.64 -2.48 -23.91
N LEU B 86 6.61 -1.62 -23.65
CA LEU B 86 7.25 -0.88 -24.73
C LEU B 86 8.62 -1.34 -25.20
N THR B 87 9.26 -2.23 -24.46
CA THR B 87 10.60 -2.70 -24.81
C THR B 87 10.81 -3.15 -26.25
N GLU B 88 9.73 -3.34 -27.01
CA GLU B 88 9.87 -3.79 -28.39
C GLU B 88 9.13 -2.89 -29.38
N THR B 89 8.93 -1.63 -29.01
CA THR B 89 8.21 -0.70 -29.85
C THR B 89 8.97 0.60 -30.14
N GLY B 90 8.92 1.04 -31.39
CA GLY B 90 9.57 2.27 -31.81
C GLY B 90 10.98 2.52 -31.32
N VAL B 91 11.36 3.81 -31.31
CA VAL B 91 12.69 4.22 -30.87
C VAL B 91 12.91 4.00 -29.37
N PHE B 92 11.83 4.01 -28.60
CA PHE B 92 11.97 3.79 -27.16
C PHE B 92 12.51 2.37 -26.98
N GLY B 93 11.87 1.42 -27.62
CA GLY B 93 12.30 0.04 -27.51
C GLY B 93 13.78 -0.13 -27.84
N GLN B 94 14.21 0.45 -28.95
CA GLN B 94 15.61 0.33 -29.32
C GLN B 94 16.54 0.85 -28.24
N ASN B 95 16.25 2.04 -27.72
CA ASN B 95 17.09 2.62 -26.68
C ASN B 95 17.09 1.73 -25.43
N ALA B 96 15.95 1.12 -25.13
CA ALA B 96 15.84 0.25 -23.96
C ALA B 96 16.63 -1.04 -24.16
N GLN B 97 16.82 -1.43 -25.42
CA GLN B 97 17.56 -2.63 -25.72
C GLN B 97 19.06 -2.40 -25.81
N PHE B 98 19.45 -1.33 -26.48
CA PHE B 98 20.88 -1.01 -26.60
C PHE B 98 21.52 -0.56 -25.30
N HIS B 99 20.72 -0.01 -24.39
CA HIS B 99 21.26 0.47 -23.13
C HIS B 99 20.96 -0.40 -21.92
N TYR B 100 21.92 -0.42 -21.00
CA TYR B 100 21.78 -1.19 -19.77
C TYR B 100 20.87 -0.43 -18.83
N LEU B 101 21.13 0.87 -18.66
CA LEU B 101 20.34 1.72 -17.77
C LEU B 101 19.23 2.52 -18.43
N TYR B 102 18.11 2.61 -17.73
CA TYR B 102 16.96 3.35 -18.22
C TYR B 102 16.13 3.90 -17.07
N ARG B 103 15.46 5.02 -17.33
CA ARG B 103 14.58 5.65 -16.35
C ARG B 103 13.66 6.56 -17.12
N SER B 104 12.43 6.69 -16.65
CA SER B 104 11.46 7.58 -17.31
C SER B 104 10.17 7.56 -16.52
N GLY B 105 9.28 8.45 -16.91
CA GLY B 105 7.98 8.52 -16.28
C GLY B 105 7.02 8.03 -17.33
N PHE B 106 5.72 8.17 -17.06
CA PHE B 106 4.72 7.73 -18.01
C PHE B 106 3.42 8.50 -17.88
N CYS B 107 2.75 8.67 -19.01
CA CYS B 107 1.44 9.31 -19.04
C CYS B 107 0.57 8.20 -19.61
N ILE B 108 -0.33 7.68 -18.79
CA ILE B 108 -1.20 6.60 -19.22
C ILE B 108 -2.60 7.11 -19.50
N HIS B 109 -3.15 6.73 -20.66
CA HIS B 109 -4.49 7.16 -21.05
C HIS B 109 -5.32 5.96 -21.50
N VAL B 110 -6.12 5.42 -20.59
CA VAL B 110 -6.97 4.27 -20.90
C VAL B 110 -8.26 4.77 -21.49
N GLN B 111 -8.62 4.24 -22.67
CA GLN B 111 -9.82 4.65 -23.38
C GLN B 111 -10.94 3.61 -23.43
N CYS B 112 -12.17 4.07 -23.26
CA CYS B 112 -13.33 3.20 -23.32
C CYS B 112 -14.62 4.00 -23.37
N ASN B 113 -15.25 4.05 -24.54
CA ASN B 113 -16.49 4.76 -24.68
C ASN B 113 -17.61 3.78 -24.97
N ALA B 114 -18.83 4.20 -24.65
CA ALA B 114 -20.02 3.40 -24.87
C ALA B 114 -21.15 4.37 -25.21
N SER B 115 -22.37 4.07 -24.78
CA SER B 115 -23.49 4.95 -25.06
C SER B 115 -24.10 5.42 -23.77
N LYS B 116 -25.01 6.36 -23.86
CA LYS B 116 -25.67 6.87 -22.67
C LYS B 116 -26.63 5.84 -22.11
N PHE B 117 -26.71 4.68 -22.76
CA PHE B 117 -27.58 3.59 -22.33
C PHE B 117 -26.81 2.37 -21.81
N HIS B 118 -25.48 2.46 -21.81
CA HIS B 118 -24.67 1.36 -21.29
C HIS B 118 -24.29 1.73 -19.87
N GLN B 119 -23.79 0.76 -19.11
CA GLN B 119 -23.37 1.02 -17.74
C GLN B 119 -22.23 0.12 -17.34
N GLY B 120 -21.42 0.59 -16.41
CA GLY B 120 -20.29 -0.19 -15.96
C GLY B 120 -19.20 0.72 -15.41
N ALA B 121 -18.29 0.14 -14.64
CA ALA B 121 -17.22 0.92 -14.05
C ALA B 121 -15.94 0.11 -13.96
N LEU B 122 -14.88 0.64 -14.58
CA LEU B 122 -13.57 0.01 -14.56
C LEU B 122 -12.70 0.78 -13.60
N LEU B 123 -11.90 0.07 -12.81
CA LEU B 123 -10.98 0.74 -11.90
C LEU B 123 -9.65 0.70 -12.61
N VAL B 124 -9.05 1.86 -12.83
CA VAL B 124 -7.76 1.94 -13.51
C VAL B 124 -6.75 2.42 -12.48
N ALA B 125 -5.78 1.58 -12.17
CA ALA B 125 -4.77 1.91 -11.17
C ALA B 125 -3.37 1.53 -11.57
N VAL B 126 -2.41 2.11 -10.86
CA VAL B 126 -1.01 1.85 -11.10
C VAL B 126 -0.41 1.34 -9.79
N LEU B 127 0.11 0.12 -9.83
CA LEU B 127 0.67 -0.50 -8.65
C LEU B 127 2.17 -0.80 -8.80
N PRO B 128 3.01 -0.02 -8.11
CA PRO B 128 4.47 -0.19 -8.16
C PRO B 128 4.90 -1.56 -7.66
N GLU B 129 5.99 -2.07 -8.22
CA GLU B 129 6.50 -3.39 -7.83
C GLU B 129 5.35 -4.39 -7.72
N TYR B 130 4.65 -4.59 -8.82
CA TYR B 130 3.53 -5.52 -8.82
C TYR B 130 4.01 -6.94 -9.03
N VAL B 131 4.41 -7.57 -7.93
CA VAL B 131 4.89 -8.94 -7.96
C VAL B 131 3.71 -9.89 -8.01
N ILE B 132 3.76 -10.83 -8.95
CA ILE B 132 2.71 -11.82 -9.15
C ILE B 132 2.97 -13.11 -8.38
N GLY B 133 1.91 -13.69 -7.85
CA GLY B 133 2.05 -14.94 -7.13
C GLY B 133 1.25 -16.03 -7.83
N THR B 134 1.38 -17.27 -7.39
CA THR B 134 0.64 -18.37 -8.00
C THR B 134 -0.31 -18.98 -6.97
N VAL B 135 -1.24 -19.82 -7.41
CA VAL B 135 -2.18 -20.44 -6.48
C VAL B 135 -1.57 -21.56 -5.66
N ALA B 136 -0.26 -21.75 -5.78
CA ALA B 136 0.46 -22.77 -5.03
C ALA B 136 -0.12 -24.19 -5.14
N GLY B 137 -0.52 -24.58 -6.34
CA GLY B 137 -1.09 -25.92 -6.52
C GLY B 137 -2.44 -26.14 -5.87
N GLY B 138 -3.14 -25.05 -5.57
CA GLY B 138 -4.46 -25.15 -4.96
C GLY B 138 -4.47 -25.41 -3.46
N THR B 139 -3.73 -26.42 -3.03
CA THR B 139 -3.67 -26.78 -1.62
C THR B 139 -2.65 -25.95 -0.88
N GLY B 140 -1.82 -25.22 -1.62
CA GLY B 140 -0.80 -24.38 -1.02
C GLY B 140 0.42 -25.15 -0.57
N THR B 141 0.57 -26.37 -1.05
CA THR B 141 1.71 -27.19 -0.68
C THR B 141 2.81 -27.15 -1.75
N GLU B 142 2.41 -26.92 -2.99
CA GLU B 142 3.38 -26.85 -4.08
C GLU B 142 3.86 -25.41 -4.20
N ASP B 143 5.17 -25.21 -4.13
CA ASP B 143 5.75 -23.88 -4.23
C ASP B 143 6.01 -23.49 -5.70
N THR B 144 4.93 -23.32 -6.45
CA THR B 144 5.00 -22.94 -7.86
C THR B 144 5.41 -21.49 -8.03
N HIS B 145 5.76 -21.13 -9.26
CA HIS B 145 6.17 -19.77 -9.57
C HIS B 145 5.64 -19.38 -10.93
N PRO B 146 5.28 -18.11 -11.09
CA PRO B 146 4.76 -17.63 -12.36
C PRO B 146 5.84 -17.57 -13.45
N PRO B 147 5.50 -18.07 -14.65
CA PRO B 147 6.40 -18.09 -15.80
C PRO B 147 6.67 -16.70 -16.38
N TYR B 148 7.79 -16.55 -17.08
CA TYR B 148 8.18 -15.29 -17.68
C TYR B 148 7.01 -14.66 -18.45
N LYS B 149 6.23 -15.49 -19.15
CA LYS B 149 5.12 -14.94 -19.93
C LYS B 149 3.99 -14.38 -19.06
N GLN B 150 4.03 -14.66 -17.77
CA GLN B 150 2.99 -14.16 -16.87
C GLN B 150 3.48 -12.96 -16.06
N THR B 151 4.79 -12.90 -15.81
CA THR B 151 5.38 -11.80 -15.06
C THR B 151 5.62 -10.59 -15.95
N GLN B 152 6.01 -10.84 -17.19
CA GLN B 152 6.27 -9.81 -18.19
C GLN B 152 5.51 -10.16 -19.47
N PRO B 153 4.17 -10.09 -19.41
CA PRO B 153 3.22 -10.39 -20.49
C PRO B 153 3.37 -9.60 -21.79
N GLY B 154 4.30 -8.66 -21.82
CA GLY B 154 4.48 -7.88 -23.02
C GLY B 154 3.32 -6.94 -23.25
N ALA B 155 3.07 -6.60 -24.50
CA ALA B 155 1.99 -5.68 -24.86
C ALA B 155 0.58 -6.24 -24.79
N ASP B 156 0.42 -7.56 -24.91
CA ASP B 156 -0.91 -8.15 -24.86
C ASP B 156 -1.48 -8.15 -23.45
N GLY B 157 -0.63 -7.84 -22.48
CA GLY B 157 -1.08 -7.84 -21.10
C GLY B 157 -1.41 -9.26 -20.70
N PHE B 158 -2.12 -9.42 -19.61
CA PHE B 158 -2.48 -10.73 -19.12
C PHE B 158 -3.78 -10.62 -18.32
N GLU B 159 -4.59 -11.66 -18.36
CA GLU B 159 -5.86 -11.63 -17.63
C GLU B 159 -5.74 -12.13 -16.19
N LEU B 160 -6.36 -11.40 -15.26
CA LEU B 160 -6.31 -11.77 -13.86
C LEU B 160 -7.08 -13.06 -13.63
N GLN B 161 -6.49 -13.98 -12.87
CA GLN B 161 -7.15 -15.25 -12.58
C GLN B 161 -8.10 -15.08 -11.41
N HIS B 162 -7.65 -14.36 -10.38
CA HIS B 162 -8.46 -14.12 -9.21
C HIS B 162 -8.35 -12.65 -8.84
N PRO B 163 -9.08 -11.78 -9.57
CA PRO B 163 -9.05 -10.34 -9.32
C PRO B 163 -9.22 -9.90 -7.86
N TYR B 164 -10.11 -10.55 -7.12
CA TYR B 164 -10.35 -10.18 -5.71
C TYR B 164 -9.04 -10.04 -4.91
N VAL B 165 -8.06 -10.88 -5.22
CA VAL B 165 -6.77 -10.84 -4.52
C VAL B 165 -5.62 -10.40 -5.44
N LEU B 166 -5.97 -9.83 -6.60
CA LEU B 166 -4.98 -9.36 -7.57
C LEU B 166 -3.88 -10.38 -7.86
N ASP B 167 -4.25 -11.66 -7.90
CA ASP B 167 -3.30 -12.74 -8.17
C ASP B 167 -2.02 -12.60 -7.36
N ALA B 168 -2.14 -11.95 -6.19
CA ALA B 168 -0.97 -11.74 -5.34
C ALA B 168 -1.26 -11.77 -3.84
N GLY B 169 -2.45 -12.24 -3.49
CA GLY B 169 -2.82 -12.34 -2.08
C GLY B 169 -3.09 -11.03 -1.36
N ILE B 170 -3.51 -10.02 -2.11
CA ILE B 170 -3.82 -8.71 -1.53
C ILE B 170 -5.17 -8.24 -2.06
N PRO B 171 -5.99 -7.61 -1.20
CA PRO B 171 -7.32 -7.10 -1.53
C PRO B 171 -7.37 -5.99 -2.58
N ILE B 172 -8.13 -6.23 -3.65
CA ILE B 172 -8.29 -5.25 -4.69
C ILE B 172 -9.10 -4.09 -4.12
N SER B 173 -9.85 -4.38 -3.05
CA SER B 173 -10.68 -3.37 -2.39
C SER B 173 -9.86 -2.23 -1.83
N GLN B 174 -8.55 -2.44 -1.71
CA GLN B 174 -7.67 -1.42 -1.17
C GLN B 174 -6.72 -0.87 -2.23
N LEU B 175 -6.92 -1.29 -3.49
CA LEU B 175 -6.07 -0.85 -4.58
C LEU B 175 -6.11 0.67 -4.79
N THR B 176 -7.19 1.29 -4.33
CA THR B 176 -7.37 2.74 -4.47
C THR B 176 -6.34 3.55 -3.69
N VAL B 177 -5.50 2.86 -2.91
CA VAL B 177 -4.46 3.54 -2.14
C VAL B 177 -3.33 3.89 -3.12
N CYS B 178 -3.48 3.44 -4.37
CA CYS B 178 -2.50 3.70 -5.41
C CYS B 178 -3.09 4.72 -6.39
N PRO B 179 -2.23 5.42 -7.14
CA PRO B 179 -2.75 6.39 -8.10
C PRO B 179 -3.79 5.70 -8.98
N HIS B 180 -4.98 6.27 -9.07
CA HIS B 180 -6.03 5.65 -9.85
C HIS B 180 -7.12 6.61 -10.31
N GLN B 181 -7.99 6.08 -11.15
CA GLN B 181 -9.15 6.78 -11.67
C GLN B 181 -10.15 5.67 -12.00
N TRP B 182 -11.42 6.05 -12.17
CA TRP B 182 -12.45 5.08 -12.51
C TRP B 182 -13.04 5.48 -13.85
N ILE B 183 -13.45 4.50 -14.64
CA ILE B 183 -14.09 4.82 -15.89
C ILE B 183 -15.54 4.36 -15.71
N ASN B 184 -16.37 5.27 -15.23
CA ASN B 184 -17.79 5.00 -15.00
C ASN B 184 -18.46 5.49 -16.28
N LEU B 185 -18.96 4.56 -17.09
CA LEU B 185 -19.55 4.91 -18.37
C LEU B 185 -20.56 6.05 -18.38
N ARG B 186 -21.36 6.19 -17.34
CA ARG B 186 -22.32 7.28 -17.33
C ARG B 186 -21.64 8.60 -17.05
N THR B 187 -20.35 8.55 -16.73
CA THR B 187 -19.59 9.76 -16.40
C THR B 187 -18.42 10.15 -17.31
N ASN B 188 -17.54 9.20 -17.63
CA ASN B 188 -16.39 9.51 -18.47
C ASN B 188 -16.03 8.37 -19.42
N ASN B 189 -15.14 8.64 -20.37
CA ASN B 189 -14.73 7.61 -21.32
C ASN B 189 -13.23 7.40 -21.32
N CYS B 190 -12.57 7.78 -20.23
CA CYS B 190 -11.13 7.62 -20.14
C CYS B 190 -10.56 7.97 -18.79
N ALA B 191 -9.37 7.45 -18.54
CA ALA B 191 -8.64 7.70 -17.31
C ALA B 191 -7.28 8.19 -17.74
N THR B 192 -6.71 9.12 -16.98
CA THR B 192 -5.41 9.65 -17.31
C THR B 192 -4.58 9.78 -16.05
N ILE B 193 -3.49 9.02 -16.01
CA ILE B 193 -2.60 9.00 -14.86
C ILE B 193 -1.18 9.28 -15.30
N ILE B 194 -0.54 10.21 -14.60
CA ILE B 194 0.84 10.55 -14.89
C ILE B 194 1.65 9.94 -13.76
N VAL B 195 2.69 9.22 -14.11
CA VAL B 195 3.52 8.55 -13.12
C VAL B 195 5.00 8.89 -13.20
N PRO B 196 5.60 9.25 -12.07
CA PRO B 196 7.02 9.60 -12.02
C PRO B 196 7.83 8.32 -11.91
N TYR B 197 9.16 8.42 -12.03
CA TYR B 197 9.97 7.22 -11.90
C TYR B 197 9.92 6.77 -10.45
N ILE B 198 9.61 5.49 -10.26
CA ILE B 198 9.52 4.93 -8.92
C ILE B 198 10.46 3.73 -8.78
N ASN B 199 11.46 3.87 -7.91
CA ASN B 199 12.44 2.82 -7.68
C ASN B 199 13.32 3.27 -6.50
N ALA B 200 14.14 2.36 -5.99
CA ALA B 200 15.03 2.68 -4.88
C ALA B 200 16.41 2.99 -5.45
N LEU B 201 16.48 3.03 -6.78
CA LEU B 201 17.72 3.30 -7.51
C LEU B 201 17.43 4.41 -8.52
N PRO B 202 18.46 5.15 -8.94
CA PRO B 202 18.28 6.23 -9.92
C PRO B 202 17.97 5.77 -11.34
N PHE B 203 18.54 4.63 -11.75
CA PHE B 203 18.32 4.03 -13.08
C PHE B 203 18.24 2.54 -12.86
N ASP B 204 17.70 1.81 -13.84
CA ASP B 204 17.61 0.36 -13.72
C ASP B 204 17.47 -0.23 -15.11
N SER B 205 17.40 -1.55 -15.19
CA SER B 205 17.24 -2.23 -16.48
C SER B 205 15.77 -2.25 -16.85
N ALA B 206 15.48 -1.83 -18.08
CA ALA B 206 14.10 -1.80 -18.56
C ALA B 206 13.65 -3.24 -18.84
N LEU B 207 14.63 -4.12 -18.97
CA LEU B 207 14.36 -5.52 -19.26
C LEU B 207 14.12 -6.40 -18.05
N ASN B 208 15.02 -6.36 -17.08
CA ASN B 208 14.89 -7.20 -15.89
C ASN B 208 13.97 -6.70 -14.79
N HIS B 209 13.66 -5.41 -14.78
CA HIS B 209 12.82 -4.86 -13.72
C HIS B 209 11.63 -4.03 -14.22
N CYS B 210 10.45 -4.40 -13.76
CA CYS B 210 9.22 -3.68 -14.10
C CYS B 210 8.85 -2.81 -12.91
N ASN B 211 8.99 -1.50 -13.08
CA ASN B 211 8.72 -0.56 -12.01
C ASN B 211 7.30 -0.58 -11.47
N PHE B 212 6.32 -0.82 -12.33
CA PHE B 212 4.95 -0.87 -11.86
C PHE B 212 4.05 -1.56 -12.85
N GLY B 213 2.83 -1.86 -12.41
CA GLY B 213 1.89 -2.52 -13.29
C GLY B 213 0.62 -1.71 -13.43
N LEU B 214 0.01 -1.76 -14.62
CA LEU B 214 -1.23 -1.04 -14.87
C LEU B 214 -2.36 -2.05 -14.77
N LEU B 215 -3.33 -1.75 -13.92
CA LEU B 215 -4.47 -2.64 -13.72
C LEU B 215 -5.76 -2.00 -14.21
N VAL B 216 -6.51 -2.75 -15.01
CA VAL B 216 -7.79 -2.30 -15.53
C VAL B 216 -8.76 -3.42 -15.18
N VAL B 217 -9.52 -3.22 -14.11
CA VAL B 217 -10.44 -4.23 -13.64
C VAL B 217 -11.87 -3.72 -13.49
N PRO B 218 -12.83 -4.44 -14.05
CA PRO B 218 -14.22 -4.00 -13.94
C PRO B 218 -14.76 -4.38 -12.56
N ILE B 219 -15.14 -3.37 -11.77
CA ILE B 219 -15.68 -3.60 -10.43
C ILE B 219 -17.19 -3.69 -10.52
N SER B 220 -17.76 -2.87 -11.39
CA SER B 220 -19.20 -2.88 -11.63
C SER B 220 -19.33 -3.42 -13.05
N PRO B 221 -19.91 -4.61 -13.20
CA PRO B 221 -20.11 -5.30 -14.48
C PRO B 221 -20.78 -4.51 -15.61
N LEU B 222 -20.22 -4.65 -16.80
CA LEU B 222 -20.75 -3.99 -18.00
C LEU B 222 -22.14 -4.55 -18.28
N ASP B 223 -23.07 -3.68 -18.65
CA ASP B 223 -24.42 -4.14 -18.96
C ASP B 223 -25.12 -3.25 -19.97
N TYR B 224 -26.08 -3.83 -20.68
CA TYR B 224 -26.86 -3.13 -21.70
C TYR B 224 -27.96 -4.08 -22.18
N ASP B 225 -28.96 -3.52 -22.86
CA ASP B 225 -30.08 -4.33 -23.36
C ASP B 225 -29.79 -4.82 -24.77
N GLN B 226 -30.42 -5.93 -25.13
CA GLN B 226 -30.28 -6.53 -26.46
C GLN B 226 -30.57 -5.47 -27.52
N GLY B 227 -29.62 -5.26 -28.43
CA GLY B 227 -29.84 -4.27 -29.47
C GLY B 227 -28.85 -3.13 -29.45
N ALA B 228 -28.14 -2.98 -28.34
CA ALA B 228 -27.15 -1.92 -28.22
C ALA B 228 -25.82 -2.53 -28.64
N THR B 229 -24.95 -1.72 -29.23
CA THR B 229 -23.64 -2.21 -29.67
C THR B 229 -22.99 -2.99 -28.51
N PRO B 230 -22.81 -4.30 -28.68
CA PRO B 230 -22.22 -5.20 -27.68
C PRO B 230 -20.70 -5.22 -27.62
N VAL B 231 -20.05 -4.66 -28.64
CA VAL B 231 -18.59 -4.63 -28.68
C VAL B 231 -18.06 -3.33 -28.07
N ILE B 232 -17.65 -3.42 -26.81
CA ILE B 232 -17.13 -2.27 -26.09
C ILE B 232 -15.63 -2.46 -25.84
N PRO B 233 -14.79 -1.87 -26.71
CA PRO B 233 -13.34 -1.98 -26.57
C PRO B 233 -12.76 -1.10 -25.48
N ILE B 234 -11.55 -1.45 -25.09
CA ILE B 234 -10.79 -0.73 -24.08
C ILE B 234 -9.40 -0.64 -24.66
N THR B 235 -8.95 0.57 -24.99
CA THR B 235 -7.63 0.73 -25.59
C THR B 235 -6.62 1.39 -24.66
N ILE B 236 -5.38 0.93 -24.76
CA ILE B 236 -4.31 1.43 -23.93
C ILE B 236 -3.27 2.25 -24.69
N THR B 237 -3.18 3.53 -24.35
CA THR B 237 -2.22 4.44 -24.97
C THR B 237 -1.34 4.98 -23.84
N LEU B 238 -0.04 5.04 -24.07
CA LEU B 238 0.88 5.52 -23.05
C LEU B 238 2.07 6.23 -23.65
N ALA B 239 2.59 7.22 -22.93
CA ALA B 239 3.74 7.99 -23.40
C ALA B 239 4.82 8.08 -22.35
N PRO B 240 6.05 7.70 -22.70
CA PRO B 240 7.13 7.78 -21.72
C PRO B 240 7.40 9.26 -21.47
N MET B 241 7.98 9.61 -20.33
CA MET B 241 8.27 11.02 -20.08
C MET B 241 9.65 11.17 -19.45
N CYS B 242 10.44 12.11 -19.98
CA CYS B 242 11.79 12.36 -19.46
C CYS B 242 12.68 11.13 -19.54
N SER B 243 12.56 10.39 -20.64
CA SER B 243 13.35 9.19 -20.83
C SER B 243 14.85 9.51 -20.86
N GLU B 244 15.60 8.71 -20.11
CA GLU B 244 17.06 8.83 -20.00
C GLU B 244 17.62 7.41 -20.13
N PHE B 245 18.71 7.26 -20.87
CA PHE B 245 19.35 5.96 -21.06
C PHE B 245 20.87 6.07 -20.85
N ALA B 246 21.52 4.99 -20.45
CA ALA B 246 22.98 4.98 -20.24
C ALA B 246 23.54 3.56 -20.32
N GLY B 247 24.86 3.44 -20.31
CA GLY B 247 25.48 2.14 -20.39
C GLY B 247 25.24 1.48 -21.74
N LEU B 248 25.68 2.14 -22.80
CA LEU B 248 25.50 1.66 -24.17
C LEU B 248 26.36 0.45 -24.55
N ARG B 249 25.81 -0.39 -25.42
CA ARG B 249 26.47 -1.58 -25.97
C ARG B 249 25.53 -2.21 -26.99
N GLN B 250 25.74 -3.47 -27.34
CA GLN B 250 24.86 -4.10 -28.33
C GLN B 250 23.44 -4.27 -27.81
N ALA B 251 22.49 -4.39 -28.72
CA ALA B 251 21.10 -4.55 -28.34
C ALA B 251 20.88 -5.92 -27.70
N VAL B 252 20.01 -5.96 -26.71
CA VAL B 252 19.68 -7.17 -26.00
C VAL B 252 18.17 -7.17 -25.76
N THR B 253 17.51 -8.28 -26.08
CA THR B 253 16.06 -8.38 -25.92
C THR B 253 15.68 -8.83 -24.51
N GLN B 254 16.61 -9.48 -23.82
CA GLN B 254 16.36 -9.95 -22.46
C GLN B 254 17.62 -10.50 -21.80
N GLY C 1 35.55 1.87 42.28
CA GLY C 1 34.52 2.36 41.32
C GLY C 1 33.47 3.25 41.94
N PHE C 2 32.64 3.85 41.09
CA PHE C 2 31.55 4.74 41.51
C PHE C 2 30.36 3.97 42.10
N PRO C 3 29.90 4.36 43.30
CA PRO C 3 28.78 3.69 43.97
C PRO C 3 27.43 3.70 43.27
N THR C 4 27.02 2.53 42.82
CA THR C 4 25.73 2.37 42.16
C THR C 4 24.92 1.32 42.92
N GLU C 5 23.65 1.15 42.52
CA GLU C 5 22.77 0.20 43.18
C GLU C 5 21.67 -0.19 42.20
N LEU C 6 21.62 -1.47 41.82
CA LEU C 6 20.63 -1.94 40.85
C LEU C 6 19.17 -1.95 41.35
N LYS C 7 18.27 -1.48 40.50
CA LYS C 7 16.85 -1.40 40.82
C LYS C 7 16.05 -2.44 40.03
N PRO C 8 14.80 -2.70 40.44
CA PRO C 8 13.99 -3.68 39.71
C PRO C 8 13.88 -3.30 38.24
N GLY C 9 13.84 -4.31 37.38
CA GLY C 9 13.77 -4.06 35.96
C GLY C 9 15.11 -4.48 35.38
N THR C 10 16.13 -4.47 36.22
CA THR C 10 17.47 -4.87 35.81
C THR C 10 17.42 -6.20 35.05
N ASN C 11 18.11 -6.26 33.91
CA ASN C 11 18.18 -7.44 33.03
C ASN C 11 16.98 -7.80 32.17
N GLN C 12 15.84 -7.16 32.42
CA GLN C 12 14.63 -7.46 31.65
C GLN C 12 14.73 -6.93 30.25
N PHE C 13 13.98 -7.54 29.35
CA PHE C 13 13.94 -7.13 27.98
C PHE C 13 12.52 -6.73 27.64
N LEU C 14 12.29 -5.43 27.49
CA LEU C 14 10.98 -4.90 27.15
C LEU C 14 11.00 -4.61 25.64
N THR C 15 10.14 -5.29 24.90
CA THR C 15 10.11 -5.12 23.45
C THR C 15 9.86 -3.71 22.95
N THR C 16 9.25 -2.87 23.78
CA THR C 16 8.97 -1.49 23.35
C THR C 16 9.93 -0.49 23.97
N ASP C 17 10.91 -0.98 24.72
CA ASP C 17 11.87 -0.09 25.36
C ASP C 17 12.70 0.54 24.24
N ASP C 18 12.82 1.86 24.28
CA ASP C 18 13.57 2.62 23.28
C ASP C 18 14.93 3.01 23.84
N GLY C 19 15.87 2.08 23.83
CA GLY C 19 17.18 2.38 24.38
C GLY C 19 18.33 2.40 23.38
N VAL C 20 19.54 2.48 23.91
CA VAL C 20 20.75 2.52 23.11
C VAL C 20 21.42 1.15 23.13
N SER C 21 21.94 0.73 21.98
CA SER C 21 22.62 -0.55 21.88
C SER C 21 23.88 -0.40 21.04
N ALA C 22 24.93 -1.13 21.40
CA ALA C 22 26.21 -1.04 20.70
C ALA C 22 26.14 -1.32 19.20
N PRO C 23 26.83 -0.49 18.39
CA PRO C 23 26.85 -0.65 16.93
C PRO C 23 27.83 -1.74 16.50
N ILE C 24 27.37 -2.62 15.60
CA ILE C 24 28.21 -3.71 15.13
C ILE C 24 29.25 -3.32 14.09
N LEU C 25 28.95 -2.27 13.33
CA LEU C 25 29.87 -1.83 12.28
C LEU C 25 30.31 -0.38 12.49
N PRO C 26 31.43 -0.18 13.20
CA PRO C 26 31.93 1.18 13.46
C PRO C 26 32.37 1.89 12.19
N ASN C 27 32.06 3.17 12.12
CA ASN C 27 32.44 4.02 10.99
C ASN C 27 31.82 3.65 9.65
N PHE C 28 30.76 2.86 9.71
CA PHE C 28 30.04 2.44 8.52
C PHE C 28 29.06 3.53 8.11
N HIS C 29 29.09 3.93 6.83
CA HIS C 29 28.17 4.94 6.34
C HIS C 29 27.22 4.28 5.33
N PRO C 30 25.91 4.41 5.56
CA PRO C 30 24.90 3.82 4.68
C PRO C 30 24.84 4.45 3.32
N THR C 31 24.28 3.72 2.36
CA THR C 31 24.13 4.23 1.01
C THR C 31 23.24 5.47 1.07
N PRO C 32 23.66 6.54 0.40
CA PRO C 32 22.85 7.76 0.43
C PRO C 32 21.41 7.53 -0.04
N CYS C 33 20.48 8.28 0.54
CA CYS C 33 19.08 8.13 0.18
C CYS C 33 18.65 9.05 -0.95
N ILE C 34 18.37 8.49 -2.12
CA ILE C 34 17.94 9.31 -3.25
C ILE C 34 16.48 9.71 -3.05
N HIS C 35 15.93 10.48 -3.99
CA HIS C 35 14.55 10.87 -3.88
C HIS C 35 13.64 9.76 -4.37
N ILE C 36 12.62 9.43 -3.58
CA ILE C 36 11.68 8.40 -3.96
C ILE C 36 10.28 8.95 -3.73
N PRO C 37 9.41 8.87 -4.75
CA PRO C 37 8.05 9.38 -4.64
C PRO C 37 7.22 8.63 -3.60
N GLY C 38 6.19 9.31 -3.13
CA GLY C 38 5.27 8.68 -2.19
C GLY C 38 5.73 8.37 -0.79
N GLU C 39 6.53 9.24 -0.19
CA GLU C 39 6.95 8.96 1.17
C GLU C 39 5.76 9.22 2.09
N VAL C 40 5.52 8.31 3.03
CA VAL C 40 4.43 8.49 3.98
C VAL C 40 5.07 8.71 5.35
N ARG C 41 4.56 9.68 6.08
CA ARG C 41 5.11 10.02 7.39
C ARG C 41 4.24 9.56 8.56
N ASN C 42 2.93 9.48 8.36
CA ASN C 42 2.01 9.09 9.42
C ASN C 42 0.86 8.21 8.88
N LEU C 43 0.58 7.12 9.57
CA LEU C 43 -0.49 6.22 9.15
C LEU C 43 -1.81 6.93 8.92
N LEU C 44 -2.01 8.05 9.61
CA LEU C 44 -3.23 8.82 9.48
C LEU C 44 -3.38 9.32 8.04
N GLU C 45 -2.26 9.53 7.36
CA GLU C 45 -2.28 9.97 5.98
C GLU C 45 -3.01 8.94 5.14
N LEU C 46 -2.79 7.66 5.46
CA LEU C 46 -3.42 6.57 4.74
C LEU C 46 -4.90 6.40 5.08
N CYS C 47 -5.28 6.78 6.30
CA CYS C 47 -6.66 6.65 6.74
C CYS C 47 -7.61 7.60 6.03
N GLN C 48 -7.07 8.64 5.39
CA GLN C 48 -7.90 9.59 4.69
C GLN C 48 -8.14 9.21 3.23
N VAL C 49 -7.58 8.09 2.83
CA VAL C 49 -7.72 7.59 1.46
C VAL C 49 -8.86 6.59 1.43
N GLU C 50 -9.83 6.84 0.55
CA GLU C 50 -10.99 5.97 0.45
C GLU C 50 -10.64 4.64 -0.20
N THR C 51 -11.21 3.57 0.35
CA THR C 51 -11.02 2.24 -0.19
C THR C 51 -12.42 1.65 -0.29
N ILE C 52 -12.56 0.54 -1.01
CA ILE C 52 -13.88 -0.05 -1.20
C ILE C 52 -14.43 -0.76 0.01
N LEU C 53 -15.63 -0.35 0.42
CA LEU C 53 -16.32 -0.90 1.56
C LEU C 53 -17.23 -2.01 1.07
N GLU C 54 -17.01 -3.23 1.54
CA GLU C 54 -17.84 -4.35 1.11
C GLU C 54 -19.16 -4.39 1.86
N VAL C 55 -20.05 -3.49 1.50
CA VAL C 55 -21.36 -3.44 2.12
C VAL C 55 -22.05 -4.76 1.82
N ASN C 56 -21.89 -5.23 0.59
CA ASN C 56 -22.50 -6.50 0.22
C ASN C 56 -21.56 -7.65 0.55
N ASN C 57 -21.40 -7.93 1.84
CA ASN C 57 -20.51 -9.00 2.26
C ASN C 57 -21.27 -10.29 2.54
N VAL C 58 -21.89 -10.86 1.51
CA VAL C 58 -22.62 -12.11 1.70
C VAL C 58 -22.06 -13.27 0.87
N PRO C 59 -21.75 -13.03 -0.42
CA PRO C 59 -21.20 -14.13 -1.25
C PRO C 59 -19.86 -14.61 -0.69
N THR C 60 -19.64 -15.92 -0.69
CA THR C 60 -18.38 -16.46 -0.17
C THR C 60 -17.59 -17.37 -1.11
N ASN C 61 -18.24 -17.98 -2.09
CA ASN C 61 -17.54 -18.86 -3.02
C ASN C 61 -16.59 -18.02 -3.89
N ALA C 62 -15.39 -18.56 -4.12
CA ALA C 62 -14.38 -17.85 -4.90
C ALA C 62 -14.88 -17.12 -6.14
N THR C 63 -15.67 -17.78 -6.96
CA THR C 63 -16.17 -17.17 -8.19
C THR C 63 -17.08 -15.95 -8.04
N SER C 64 -17.58 -15.71 -6.84
CA SER C 64 -18.47 -14.56 -6.62
C SER C 64 -17.94 -13.52 -5.63
N LEU C 65 -16.66 -13.61 -5.30
CA LEU C 65 -16.06 -12.68 -4.36
C LEU C 65 -16.09 -11.22 -4.83
N MET C 66 -15.89 -11.00 -6.13
CA MET C 66 -15.92 -9.64 -6.66
C MET C 66 -17.28 -8.95 -6.52
N GLU C 67 -18.30 -9.72 -6.17
CA GLU C 67 -19.65 -9.17 -5.99
C GLU C 67 -19.81 -8.47 -4.66
N ARG C 68 -18.86 -8.66 -3.76
CA ARG C 68 -18.93 -8.02 -2.44
C ARG C 68 -18.60 -6.53 -2.57
N LEU C 69 -17.86 -6.19 -3.61
CA LEU C 69 -17.44 -4.82 -3.86
C LEU C 69 -18.57 -3.89 -4.28
N ARG C 70 -19.73 -4.44 -4.61
CA ARG C 70 -20.85 -3.59 -5.02
C ARG C 70 -22.23 -4.16 -4.74
N PHE C 71 -23.16 -3.30 -4.32
CA PHE C 71 -24.54 -3.70 -4.05
C PHE C 71 -25.47 -3.04 -5.09
N PRO C 72 -26.63 -3.65 -5.34
CA PRO C 72 -27.55 -3.08 -6.34
C PRO C 72 -28.73 -2.23 -5.89
N VAL C 73 -29.30 -1.55 -6.88
CA VAL C 73 -30.49 -0.73 -6.74
C VAL C 73 -31.25 -1.04 -8.02
N SER C 74 -32.57 -0.88 -7.99
CA SER C 74 -33.38 -1.18 -9.17
C SER C 74 -34.80 -0.67 -8.97
N ALA C 75 -35.55 -0.59 -10.07
CA ALA C 75 -36.93 -0.11 -10.03
C ALA C 75 -37.73 -0.85 -8.96
N GLN C 76 -38.40 -0.08 -8.10
CA GLN C 76 -39.19 -0.63 -7.00
C GLN C 76 -40.69 -0.38 -7.13
N ALA C 77 -41.40 -0.45 -6.01
CA ALA C 77 -42.84 -0.22 -5.97
C ALA C 77 -43.20 1.05 -5.20
N GLY C 78 -42.27 2.01 -5.17
CA GLY C 78 -42.51 3.27 -4.50
C GLY C 78 -43.00 3.24 -3.06
N LYS C 79 -42.54 2.28 -2.29
CA LYS C 79 -42.97 2.18 -0.89
C LYS C 79 -41.83 2.50 0.06
N GLY C 80 -40.91 3.37 -0.36
CA GLY C 80 -39.77 3.75 0.48
C GLY C 80 -39.07 2.51 1.02
N GLU C 81 -38.90 1.53 0.16
CA GLU C 81 -38.27 0.27 0.52
C GLU C 81 -36.83 0.42 0.96
N LEU C 82 -36.36 -0.55 1.74
CA LEU C 82 -34.99 -0.57 2.26
C LEU C 82 -34.03 -1.16 1.24
N CYS C 83 -32.89 -0.51 1.04
CA CYS C 83 -31.91 -0.99 0.09
C CYS C 83 -30.76 -1.78 0.74
N ALA C 84 -30.23 -1.28 1.84
CA ALA C 84 -29.14 -1.96 2.53
C ALA C 84 -28.87 -1.35 3.90
N VAL C 85 -28.14 -2.08 4.74
CA VAL C 85 -27.80 -1.59 6.07
C VAL C 85 -26.46 -2.18 6.51
N PHE C 86 -25.80 -1.50 7.42
CA PHE C 86 -24.53 -1.96 7.98
C PHE C 86 -24.14 -1.11 9.17
N ARG C 87 -23.37 -1.66 10.09
CA ARG C 87 -22.93 -0.92 11.25
C ARG C 87 -21.83 0.04 10.84
N ALA C 88 -21.74 1.19 11.51
CA ALA C 88 -20.72 2.17 11.18
C ALA C 88 -19.42 1.90 11.94
N ASP C 89 -19.43 0.91 12.83
CA ASP C 89 -18.25 0.57 13.61
C ASP C 89 -17.09 0.20 12.66
N PRO C 90 -16.07 1.06 12.57
CA PRO C 90 -14.91 0.84 11.69
C PRO C 90 -13.97 -0.29 12.10
N GLY C 91 -13.83 -0.52 13.40
CA GLY C 91 -12.93 -1.58 13.83
C GLY C 91 -13.69 -2.81 14.26
N ARG C 92 -14.82 -3.07 13.60
CA ARG C 92 -15.65 -4.21 13.93
C ARG C 92 -15.76 -5.15 12.73
N ASN C 93 -15.88 -6.45 12.99
CA ASN C 93 -16.01 -7.39 11.89
C ASN C 93 -17.21 -6.98 11.05
N GLY C 94 -17.03 -7.03 9.74
CA GLY C 94 -18.11 -6.66 8.86
C GLY C 94 -17.58 -5.96 7.64
N PRO C 95 -18.42 -5.16 6.99
CA PRO C 95 -18.07 -4.42 5.78
C PRO C 95 -16.76 -3.62 5.88
N TRP C 96 -16.51 -3.03 7.04
CA TRP C 96 -15.31 -2.22 7.17
C TRP C 96 -13.99 -2.97 7.08
N GLN C 97 -14.02 -4.28 7.22
CA GLN C 97 -12.79 -5.05 7.15
C GLN C 97 -12.12 -5.03 5.79
N SER C 98 -12.84 -4.57 4.77
CA SER C 98 -12.28 -4.53 3.42
C SER C 98 -11.50 -3.25 3.17
N THR C 99 -11.75 -2.25 3.99
CA THR C 99 -11.09 -0.95 3.86
C THR C 99 -9.72 -0.92 4.50
N LEU C 100 -8.86 -0.04 4.01
CA LEU C 100 -7.53 0.08 4.58
C LEU C 100 -7.68 0.70 5.96
N LEU C 101 -8.68 1.56 6.11
CA LEU C 101 -8.94 2.21 7.40
C LEU C 101 -9.23 1.14 8.44
N GLY C 102 -10.11 0.20 8.09
CA GLY C 102 -10.46 -0.86 8.99
C GLY C 102 -9.30 -1.73 9.40
N GLN C 103 -8.41 -2.01 8.45
CA GLN C 103 -7.25 -2.86 8.75
C GLN C 103 -6.22 -2.13 9.62
N LEU C 104 -5.94 -0.88 9.30
CA LEU C 104 -4.98 -0.09 10.07
C LEU C 104 -5.54 0.12 11.47
N CYS C 105 -6.85 0.24 11.51
CA CYS C 105 -7.56 0.42 12.77
C CYS C 105 -7.28 -0.74 13.71
N GLY C 106 -7.11 -1.93 13.14
CA GLY C 106 -6.86 -3.11 13.94
C GLY C 106 -5.55 -3.12 14.69
N TYR C 107 -4.68 -2.15 14.39
CA TYR C 107 -3.39 -2.07 15.04
C TYR C 107 -3.42 -1.06 16.19
N TYR C 108 -4.62 -0.57 16.51
CA TYR C 108 -4.80 0.40 17.59
C TYR C 108 -6.00 0.03 18.45
N THR C 109 -5.86 0.18 19.76
CA THR C 109 -6.92 -0.17 20.69
C THR C 109 -8.08 0.82 20.72
N GLN C 110 -7.78 2.11 20.55
CA GLN C 110 -8.80 3.14 20.61
C GLN C 110 -8.73 4.09 19.42
N TRP C 111 -9.88 4.61 19.00
CA TRP C 111 -9.94 5.56 17.89
C TRP C 111 -10.89 6.69 18.23
N SER C 112 -10.80 7.77 17.47
CA SER C 112 -11.65 8.92 17.67
C SER C 112 -11.69 9.74 16.39
N GLY C 113 -12.89 10.16 16.00
CA GLY C 113 -13.03 10.95 14.79
C GLY C 113 -14.28 10.67 13.99
N SER C 114 -14.54 11.52 13.01
CA SER C 114 -15.69 11.34 12.14
C SER C 114 -15.28 10.51 10.94
N LEU C 115 -16.20 9.70 10.44
CA LEU C 115 -15.91 8.85 9.29
C LEU C 115 -16.74 9.38 8.13
N GLU C 116 -16.42 8.94 6.92
CA GLU C 116 -17.18 9.35 5.76
C GLU C 116 -17.24 8.22 4.74
N VAL C 117 -18.42 8.06 4.13
CA VAL C 117 -18.62 7.02 3.13
C VAL C 117 -19.15 7.70 1.87
N THR C 118 -18.45 7.53 0.77
CA THR C 118 -18.87 8.12 -0.49
C THR C 118 -19.43 7.03 -1.39
N PHE C 119 -20.66 7.20 -1.83
CA PHE C 119 -21.34 6.24 -2.69
C PHE C 119 -21.33 6.68 -4.15
N MET C 120 -20.84 5.81 -5.02
CA MET C 120 -20.79 6.11 -6.45
C MET C 120 -21.75 5.22 -7.22
N PHE C 121 -22.69 5.86 -7.91
CA PHE C 121 -23.68 5.15 -8.71
C PHE C 121 -23.07 4.80 -10.07
N THR C 122 -23.13 3.54 -10.45
CA THR C 122 -22.55 3.08 -11.72
C THR C 122 -23.58 2.61 -12.73
N GLY C 123 -24.80 3.14 -12.63
CA GLY C 123 -25.83 2.75 -13.57
C GLY C 123 -25.64 3.50 -14.88
N SER C 124 -26.61 3.38 -15.77
CA SER C 124 -26.52 4.08 -17.05
C SER C 124 -26.81 5.55 -16.84
N PHE C 125 -26.41 6.36 -17.81
CA PHE C 125 -26.61 7.80 -17.76
C PHE C 125 -28.10 8.17 -17.72
N MET C 126 -28.95 7.37 -18.36
CA MET C 126 -30.39 7.64 -18.40
C MET C 126 -31.14 7.26 -17.14
N ALA C 127 -30.45 6.63 -16.20
CA ALA C 127 -31.08 6.22 -14.93
C ALA C 127 -31.06 7.35 -13.92
N THR C 128 -32.18 7.56 -13.25
CA THR C 128 -32.29 8.61 -12.24
C THR C 128 -32.82 8.02 -10.95
N GLY C 129 -32.82 8.83 -9.90
CA GLY C 129 -33.32 8.35 -8.63
C GLY C 129 -32.85 9.18 -7.45
N LYS C 130 -33.55 9.05 -6.33
CA LYS C 130 -33.22 9.75 -5.10
C LYS C 130 -33.20 8.72 -3.97
N MET C 131 -32.14 8.75 -3.17
CA MET C 131 -32.01 7.83 -2.06
C MET C 131 -31.84 8.59 -0.76
N LEU C 132 -32.23 7.95 0.33
CA LEU C 132 -32.14 8.51 1.67
C LEU C 132 -31.11 7.65 2.40
N ILE C 133 -29.96 8.23 2.72
CA ILE C 133 -28.92 7.49 3.45
C ILE C 133 -28.87 8.05 4.86
N ALA C 134 -29.17 7.22 5.85
CA ALA C 134 -29.19 7.68 7.23
C ALA C 134 -28.19 7.04 8.16
N TYR C 135 -27.77 7.81 9.16
CA TYR C 135 -26.85 7.35 10.17
C TYR C 135 -27.59 7.42 11.51
N THR C 136 -27.76 6.29 12.17
CA THR C 136 -28.47 6.25 13.43
C THR C 136 -27.51 6.08 14.60
N PRO C 137 -27.30 7.16 15.37
CA PRO C 137 -26.41 7.16 16.54
C PRO C 137 -26.80 6.05 17.51
N PRO C 138 -25.91 5.72 18.45
CA PRO C 138 -26.17 4.67 19.44
C PRO C 138 -27.56 4.70 20.09
N GLY C 139 -28.04 3.53 20.48
CA GLY C 139 -29.34 3.43 21.13
C GLY C 139 -30.51 3.29 20.17
N GLY C 140 -30.33 3.77 18.95
CA GLY C 140 -31.39 3.67 17.98
C GLY C 140 -31.34 2.32 17.29
N PRO C 141 -32.38 1.50 17.45
CA PRO C 141 -32.38 0.18 16.80
C PRO C 141 -32.53 0.31 15.29
N LEU C 142 -32.21 -0.77 14.57
CA LEU C 142 -32.32 -0.77 13.12
C LEU C 142 -33.68 -0.20 12.73
N PRO C 143 -33.69 1.00 12.09
CA PRO C 143 -34.95 1.62 11.69
C PRO C 143 -35.87 0.63 10.97
N LYS C 144 -37.09 0.51 11.48
CA LYS C 144 -38.06 -0.41 10.89
C LYS C 144 -38.54 0.10 9.54
N ASP C 145 -38.50 1.41 9.33
CA ASP C 145 -38.94 2.00 8.08
C ASP C 145 -38.24 3.33 7.81
N ARG C 146 -38.42 3.84 6.60
CA ARG C 146 -37.79 5.09 6.21
C ARG C 146 -38.15 6.23 7.15
N ALA C 147 -39.42 6.33 7.54
CA ALA C 147 -39.86 7.40 8.43
C ALA C 147 -39.04 7.45 9.71
N THR C 148 -38.70 6.28 10.24
CA THR C 148 -37.91 6.18 11.46
C THR C 148 -36.44 6.54 11.22
N ALA C 149 -35.92 6.09 10.08
CA ALA C 149 -34.53 6.36 9.72
C ALA C 149 -34.31 7.85 9.55
N MET C 150 -35.26 8.49 8.90
CA MET C 150 -35.22 9.93 8.62
C MET C 150 -35.07 10.82 9.85
N LEU C 151 -35.28 10.28 11.04
CA LEU C 151 -35.17 11.07 12.27
C LEU C 151 -33.75 11.29 12.75
N GLY C 152 -32.79 10.65 12.11
CA GLY C 152 -31.39 10.79 12.49
C GLY C 152 -30.60 11.56 11.44
N THR C 153 -29.28 11.52 11.55
CA THR C 153 -28.44 12.23 10.59
C THR C 153 -28.58 11.55 9.25
N HIS C 154 -28.85 12.33 8.20
CA HIS C 154 -29.01 11.72 6.89
C HIS C 154 -28.75 12.65 5.72
N VAL C 155 -28.70 12.06 4.54
CA VAL C 155 -28.45 12.78 3.30
C VAL C 155 -29.40 12.26 2.25
N ILE C 156 -29.94 13.16 1.44
CA ILE C 156 -30.84 12.74 0.37
C ILE C 156 -30.06 12.93 -0.91
N TRP C 157 -29.73 11.80 -1.52
CA TRP C 157 -28.93 11.72 -2.73
C TRP C 157 -29.72 11.72 -4.03
N ASP C 158 -29.35 12.64 -4.92
CA ASP C 158 -30.01 12.77 -6.22
C ASP C 158 -29.03 12.37 -7.34
N PHE C 159 -29.40 11.36 -8.13
CA PHE C 159 -28.54 10.93 -9.21
C PHE C 159 -28.45 12.01 -10.29
N GLY C 160 -27.24 12.22 -10.82
CA GLY C 160 -27.04 13.23 -11.85
C GLY C 160 -25.62 13.17 -12.39
N LEU C 161 -25.14 14.26 -13.00
CA LEU C 161 -23.78 14.31 -13.56
C LEU C 161 -22.74 13.92 -12.51
N GLN C 162 -23.00 14.30 -11.26
CA GLN C 162 -22.11 13.98 -10.17
C GLN C 162 -22.54 12.58 -9.75
N SER C 163 -21.72 11.60 -10.08
CA SER C 163 -22.04 10.22 -9.77
C SER C 163 -22.04 9.88 -8.30
N SER C 164 -21.34 10.66 -7.49
CA SER C 164 -21.25 10.34 -6.07
C SER C 164 -21.82 11.32 -5.06
N VAL C 165 -22.01 10.81 -3.84
CA VAL C 165 -22.51 11.60 -2.74
C VAL C 165 -21.77 11.12 -1.50
N THR C 166 -21.52 12.01 -0.55
CA THR C 166 -20.81 11.64 0.65
C THR C 166 -21.62 11.72 1.92
N LEU C 167 -21.71 10.59 2.62
CA LEU C 167 -22.41 10.55 3.89
C LEU C 167 -21.34 10.75 4.93
N VAL C 168 -21.54 11.69 5.83
CA VAL C 168 -20.58 11.91 6.88
C VAL C 168 -21.14 11.25 8.12
N ILE C 169 -20.31 10.48 8.81
CA ILE C 169 -20.73 9.83 10.03
C ILE C 169 -20.00 10.63 11.09
N PRO C 170 -20.57 11.77 11.48
CA PRO C 170 -19.97 12.66 12.49
C PRO C 170 -19.69 11.95 13.78
N TRP C 171 -18.63 12.37 14.46
CA TRP C 171 -18.24 11.78 15.73
C TRP C 171 -19.23 12.18 16.81
N ILE C 172 -20.05 11.22 17.23
CA ILE C 172 -21.05 11.45 18.25
C ILE C 172 -20.88 10.34 19.26
N SER C 173 -20.03 10.59 20.24
CA SER C 173 -19.75 9.62 21.28
C SER C 173 -19.86 10.27 22.64
N ASN C 174 -19.91 9.46 23.67
CA ASN C 174 -19.97 9.99 25.02
C ASN C 174 -18.53 10.13 25.51
N THR C 175 -17.70 9.15 25.15
CA THR C 175 -16.29 9.13 25.51
C THR C 175 -15.45 9.80 24.41
N HIS C 176 -14.32 10.39 24.78
CA HIS C 176 -13.46 11.05 23.79
C HIS C 176 -12.93 10.06 22.77
N TYR C 177 -12.72 8.83 23.20
CA TYR C 177 -12.24 7.77 22.32
C TYR C 177 -13.16 6.56 22.44
N ARG C 178 -13.18 5.73 21.40
CA ARG C 178 -13.96 4.49 21.42
C ARG C 178 -12.95 3.38 21.25
N ALA C 179 -13.20 2.24 21.89
CA ALA C 179 -12.33 1.09 21.74
C ALA C 179 -13.05 0.26 20.69
N HIS C 180 -12.42 -0.79 20.17
CA HIS C 180 -13.09 -1.60 19.17
C HIS C 180 -14.32 -2.23 19.76
N ALA C 181 -15.47 -1.93 19.16
CA ALA C 181 -16.73 -2.47 19.63
C ALA C 181 -16.98 -3.87 19.12
N ARG C 182 -17.67 -4.66 19.94
CA ARG C 182 -18.06 -6.02 19.61
C ARG C 182 -19.21 -6.44 20.51
N ASP C 183 -19.88 -7.53 20.15
CA ASP C 183 -21.01 -8.02 20.93
C ASP C 183 -20.58 -8.19 22.37
N GLY C 184 -21.43 -7.72 23.29
CA GLY C 184 -21.10 -7.83 24.71
C GLY C 184 -21.07 -6.47 25.37
N VAL C 185 -20.35 -6.34 26.48
CA VAL C 185 -20.29 -5.07 27.18
C VAL C 185 -19.54 -4.04 26.34
N PHE C 186 -18.74 -4.51 25.39
CA PHE C 186 -18.02 -3.59 24.55
C PHE C 186 -18.85 -3.00 23.44
N ASP C 187 -20.15 -3.29 23.44
CA ASP C 187 -21.04 -2.72 22.42
C ASP C 187 -21.32 -1.29 22.89
N TYR C 188 -20.75 -0.96 24.04
CA TYR C 188 -20.84 0.36 24.66
C TYR C 188 -20.20 1.38 23.72
N TYR C 189 -19.15 0.94 23.02
CA TYR C 189 -18.40 1.78 22.09
C TYR C 189 -18.92 1.73 20.66
N THR C 190 -20.10 1.15 20.45
CA THR C 190 -20.61 1.06 19.09
C THR C 190 -20.85 2.46 18.55
N THR C 191 -20.59 2.62 17.26
CA THR C 191 -20.74 3.88 16.58
C THR C 191 -22.19 4.11 16.12
N GLY C 192 -22.84 3.06 15.64
CA GLY C 192 -24.21 3.21 15.20
C GLY C 192 -24.53 2.42 13.94
N LEU C 193 -25.61 2.81 13.26
CA LEU C 193 -26.02 2.12 12.05
C LEU C 193 -26.20 3.04 10.86
N VAL C 194 -25.97 2.50 9.67
CA VAL C 194 -26.14 3.23 8.43
C VAL C 194 -27.14 2.43 7.61
N SER C 195 -28.23 3.07 7.19
CA SER C 195 -29.25 2.41 6.40
C SER C 195 -29.50 3.21 5.14
N ILE C 196 -29.80 2.53 4.05
CA ILE C 196 -30.04 3.18 2.77
C ILE C 196 -31.43 2.87 2.25
N TRP C 197 -32.22 3.92 2.01
CA TRP C 197 -33.58 3.74 1.53
C TRP C 197 -33.83 4.43 0.20
N TYR C 198 -34.92 4.04 -0.44
CA TYR C 198 -35.32 4.64 -1.70
C TYR C 198 -36.17 5.84 -1.33
N GLN C 199 -35.74 7.04 -1.72
CA GLN C 199 -36.51 8.24 -1.40
C GLN C 199 -37.62 8.38 -2.45
N THR C 200 -37.26 8.12 -3.71
CA THR C 200 -38.19 8.18 -4.81
C THR C 200 -38.21 6.80 -5.43
N ASN C 201 -37.42 6.59 -6.48
CA ASN C 201 -37.37 5.28 -7.14
C ASN C 201 -36.35 5.31 -8.27
N TYR C 202 -35.78 4.15 -8.58
CA TYR C 202 -34.82 4.02 -9.66
C TYR C 202 -35.66 4.01 -10.92
N VAL C 203 -35.64 5.12 -11.65
CA VAL C 203 -36.41 5.22 -12.88
C VAL C 203 -35.48 5.15 -14.08
N VAL C 204 -35.94 4.46 -15.11
CA VAL C 204 -35.13 4.29 -16.29
C VAL C 204 -36.09 4.21 -17.48
N PRO C 205 -35.64 4.64 -18.67
CA PRO C 205 -36.54 4.58 -19.83
C PRO C 205 -36.45 3.23 -20.53
N ILE C 206 -37.10 3.13 -21.68
CA ILE C 206 -37.06 1.91 -22.45
C ILE C 206 -35.66 1.80 -23.03
N GLY C 207 -35.03 0.63 -22.92
CA GLY C 207 -33.70 0.48 -23.49
C GLY C 207 -32.53 0.48 -22.54
N ALA C 208 -32.76 0.76 -21.26
CA ALA C 208 -31.68 0.78 -20.29
C ALA C 208 -31.94 -0.25 -19.18
N PRO C 209 -30.86 -0.85 -18.65
CA PRO C 209 -30.93 -1.86 -17.59
C PRO C 209 -31.82 -1.49 -16.39
N ASN C 210 -32.55 -2.47 -15.87
CA ASN C 210 -33.44 -2.25 -14.73
C ASN C 210 -32.71 -2.45 -13.42
N THR C 211 -31.42 -2.76 -13.53
CA THR C 211 -30.60 -2.99 -12.35
C THR C 211 -29.21 -2.39 -12.56
N ALA C 212 -28.77 -1.63 -11.56
CA ALA C 212 -27.47 -0.99 -11.60
C ALA C 212 -26.85 -1.18 -10.22
N TYR C 213 -25.54 -0.95 -10.12
CA TYR C 213 -24.88 -1.11 -8.83
C TYR C 213 -24.27 0.15 -8.26
N ILE C 214 -24.02 0.14 -6.95
CA ILE C 214 -23.41 1.26 -6.26
C ILE C 214 -22.13 0.78 -5.60
N ILE C 215 -21.07 1.57 -5.68
CA ILE C 215 -19.81 1.21 -5.06
C ILE C 215 -19.57 2.16 -3.91
N ALA C 216 -19.32 1.62 -2.73
CA ALA C 216 -19.09 2.44 -1.55
C ALA C 216 -17.60 2.56 -1.26
N LEU C 217 -17.17 3.79 -0.99
CA LEU C 217 -15.78 4.07 -0.68
C LEU C 217 -15.75 4.78 0.66
N ALA C 218 -14.97 4.27 1.60
CA ALA C 218 -14.92 4.88 2.92
C ALA C 218 -13.51 5.24 3.37
N ALA C 219 -13.46 6.18 4.30
CA ALA C 219 -12.21 6.67 4.87
C ALA C 219 -12.55 7.51 6.07
N ALA C 220 -11.54 8.12 6.69
CA ALA C 220 -11.75 8.95 7.86
C ALA C 220 -11.60 10.44 7.59
N GLN C 221 -12.24 11.25 8.44
CA GLN C 221 -12.19 12.70 8.35
C GLN C 221 -10.86 13.19 8.95
N LYS C 222 -10.60 14.49 8.86
CA LYS C 222 -9.34 15.01 9.39
C LYS C 222 -9.27 15.18 10.90
N ASN C 223 -10.30 14.77 11.63
CA ASN C 223 -10.28 14.88 13.09
C ASN C 223 -10.07 13.50 13.72
N PHE C 224 -9.77 12.55 12.85
CA PHE C 224 -9.55 11.16 13.22
C PHE C 224 -8.14 10.89 13.69
N THR C 225 -8.02 10.22 14.83
CA THR C 225 -6.72 9.84 15.39
C THR C 225 -6.91 8.50 16.05
N MET C 226 -5.82 7.79 16.29
CA MET C 226 -5.89 6.48 16.94
C MET C 226 -4.83 6.42 18.05
N LYS C 227 -5.00 5.50 19.00
CA LYS C 227 -4.02 5.38 20.07
C LYS C 227 -4.02 4.02 20.77
N LEU C 228 -2.94 3.78 21.51
CA LEU C 228 -2.72 2.54 22.24
C LEU C 228 -2.51 1.40 21.25
N CYS C 229 -1.36 1.45 20.62
CA CYS C 229 -0.89 0.48 19.63
C CYS C 229 -1.07 -0.96 20.09
N LYS C 230 -1.59 -1.82 19.22
CA LYS C 230 -1.78 -3.23 19.57
C LYS C 230 -1.67 -4.12 18.35
N ASP C 231 -1.52 -5.42 18.56
CA ASP C 231 -1.43 -6.35 17.44
C ASP C 231 -2.80 -6.58 16.84
N ALA C 232 -2.83 -6.75 15.53
CA ALA C 232 -4.08 -6.97 14.82
C ALA C 232 -4.67 -8.30 15.25
N SER C 233 -5.99 -8.43 15.08
CA SER C 233 -6.70 -9.64 15.46
C SER C 233 -6.35 -10.85 14.61
N ASP C 234 -5.87 -10.62 13.39
CA ASP C 234 -5.51 -11.72 12.50
C ASP C 234 -4.00 -11.98 12.43
N ILE C 235 -3.65 -13.24 12.22
CA ILE C 235 -2.27 -13.65 12.05
C ILE C 235 -2.33 -14.57 10.83
N LEU C 236 -1.90 -14.05 9.68
CA LEU C 236 -1.95 -14.78 8.43
C LEU C 236 -0.88 -15.84 8.21
N GLN C 237 -0.94 -16.88 9.05
CA GLN C 237 0.00 -17.97 8.99
C GLN C 237 -0.62 -19.15 9.74
N THR C 238 -0.59 -20.33 9.12
CA THR C 238 -1.14 -21.55 9.72
C THR C 238 -0.02 -22.31 10.39
N GLY C 239 0.87 -22.86 9.58
CA GLY C 239 2.01 -23.58 10.10
C GLY C 239 3.18 -22.64 9.94
N THR C 240 4.37 -23.20 9.76
CA THR C 240 5.53 -22.36 9.57
C THR C 240 5.60 -21.94 8.12
N ILE C 241 6.05 -20.71 7.88
CA ILE C 241 6.20 -20.18 6.53
C ILE C 241 7.59 -20.64 6.10
N GLN C 242 7.65 -21.43 5.04
CA GLN C 242 8.94 -21.95 4.58
C GLN C 242 9.53 -21.25 3.38
N SER D 12 27.00 15.92 20.72
CA SER D 12 28.23 15.08 20.61
C SER D 12 28.85 15.21 19.22
N HIS D 13 30.10 14.76 19.09
CA HIS D 13 30.80 14.79 17.81
C HIS D 13 30.95 13.35 17.33
N GLU D 14 29.90 12.85 16.67
CA GLU D 14 29.84 11.48 16.17
C GLU D 14 29.71 11.40 14.65
N ASN D 15 29.66 10.17 14.13
CA ASN D 15 29.50 9.92 12.70
C ASN D 15 28.03 10.14 12.33
N SER D 16 27.74 10.29 11.04
CA SER D 16 26.38 10.49 10.60
C SER D 16 25.90 9.27 9.80
N ASN D 17 25.79 8.13 10.49
CA ASN D 17 25.38 6.89 9.85
C ASN D 17 23.91 6.50 10.07
N SER D 18 23.14 7.38 10.69
CA SER D 18 21.73 7.10 10.92
C SER D 18 21.01 6.95 9.58
N ALA D 19 20.03 6.04 9.52
CA ALA D 19 19.30 5.81 8.29
C ALA D 19 18.41 7.00 7.91
N THR D 20 18.24 7.93 8.85
CA THR D 20 17.40 9.10 8.62
C THR D 20 18.16 10.41 8.44
N GLU D 21 19.49 10.32 8.39
CA GLU D 21 20.33 11.50 8.23
C GLU D 21 19.85 12.30 7.02
N GLY D 22 19.42 13.54 7.26
CA GLY D 22 18.94 14.39 6.18
C GLY D 22 17.48 14.16 5.81
N SER D 23 16.62 14.10 6.81
CA SER D 23 15.19 13.88 6.58
C SER D 23 14.43 15.18 6.81
N THR D 24 13.31 15.36 6.09
CA THR D 24 12.50 16.56 6.22
C THR D 24 11.97 16.73 7.63
N ILE D 25 12.03 15.64 8.42
CA ILE D 25 11.56 15.66 9.80
C ILE D 25 12.76 15.40 10.71
N ASN D 26 13.07 16.37 11.57
CA ASN D 26 14.19 16.24 12.49
C ASN D 26 13.82 15.41 13.71
N TYR D 27 14.82 14.73 14.28
CA TYR D 27 14.61 13.87 15.43
C TYR D 27 15.37 14.37 16.67
N THR D 28 14.87 14.00 17.84
CA THR D 28 15.51 14.33 19.10
C THR D 28 15.85 13.00 19.77
N THR D 29 17.13 12.59 19.67
CA THR D 29 17.58 11.30 20.20
C THR D 29 18.72 11.29 21.21
N ILE D 30 18.95 10.12 21.78
CA ILE D 30 20.00 9.88 22.79
C ILE D 30 21.01 8.85 22.26
N ASN D 31 22.30 9.06 22.54
CA ASN D 31 23.34 8.14 22.09
C ASN D 31 24.59 8.21 22.97
N TYR D 32 25.36 7.13 22.99
CA TYR D 32 26.58 7.05 23.79
C TYR D 32 27.77 6.58 22.94
N TYR D 33 27.50 6.06 21.76
CA TYR D 33 28.56 5.55 20.87
C TYR D 33 28.88 6.56 19.77
N LYS D 34 29.95 6.28 19.01
CA LYS D 34 30.35 7.19 17.95
C LYS D 34 29.59 7.06 16.64
N ASP D 35 28.69 6.08 16.57
CA ASP D 35 27.90 5.88 15.35
C ASP D 35 26.43 6.25 15.65
N SER D 36 25.93 7.26 14.95
CA SER D 36 24.57 7.72 15.18
C SER D 36 23.44 6.69 15.07
N TYR D 37 23.62 5.67 14.25
CA TYR D 37 22.55 4.68 14.11
C TYR D 37 22.33 3.85 15.36
N ALA D 38 23.20 4.01 16.36
CA ALA D 38 23.04 3.27 17.61
C ALA D 38 22.10 4.03 18.53
N ALA D 39 21.79 5.26 18.17
CA ALA D 39 20.92 6.11 18.96
C ALA D 39 19.51 5.58 19.12
N THR D 40 18.74 6.21 19.99
CA THR D 40 17.37 5.81 20.25
C THR D 40 16.49 6.21 19.07
N ALA D 41 15.21 5.86 19.13
CA ALA D 41 14.29 6.22 18.05
C ALA D 41 13.88 7.67 18.22
N GLY D 42 13.80 8.08 19.48
CA GLY D 42 13.46 9.45 19.82
C GLY D 42 12.06 9.87 19.42
N LYS D 43 11.89 11.17 19.19
CA LYS D 43 10.61 11.74 18.79
C LYS D 43 10.73 12.19 17.35
N GLN D 44 9.73 11.87 16.53
CA GLN D 44 9.75 12.29 15.13
C GLN D 44 8.97 13.61 15.08
N SER D 45 9.04 14.31 13.95
CA SER D 45 8.31 15.55 13.83
C SER D 45 6.93 15.20 13.29
N LEU D 46 5.91 15.90 13.78
CA LEU D 46 4.54 15.61 13.36
C LEU D 46 3.97 16.31 12.12
N LYS D 47 4.59 16.09 10.97
CA LYS D 47 4.09 16.69 9.74
C LYS D 47 3.30 15.61 9.01
N GLN D 48 2.44 16.03 8.09
CA GLN D 48 1.62 15.10 7.31
C GLN D 48 1.25 15.71 5.98
N ASP D 49 1.03 14.85 4.97
CA ASP D 49 0.65 15.30 3.65
C ASP D 49 -0.32 14.29 3.07
N PRO D 50 -1.58 14.31 3.54
CA PRO D 50 -2.61 13.38 3.06
C PRO D 50 -2.89 13.54 1.58
N ASP D 51 -2.89 14.78 1.11
CA ASP D 51 -3.17 15.07 -0.29
C ASP D 51 -2.34 14.28 -1.28
N LYS D 52 -1.13 13.92 -0.88
CA LYS D 52 -0.24 13.15 -1.74
C LYS D 52 -0.93 11.87 -2.22
N PHE D 53 -1.76 11.30 -1.36
CA PHE D 53 -2.46 10.05 -1.66
C PHE D 53 -3.96 10.20 -1.85
N ALA D 54 -4.55 11.11 -1.08
CA ALA D 54 -5.98 11.34 -1.10
C ALA D 54 -6.50 12.36 -2.09
N ASN D 55 -5.62 13.15 -2.68
CA ASN D 55 -6.06 14.16 -3.62
C ASN D 55 -4.94 14.55 -4.56
N PRO D 56 -4.36 13.58 -5.28
CA PRO D 56 -3.27 13.87 -6.21
C PRO D 56 -3.72 14.35 -7.59
N VAL D 57 -4.72 15.24 -7.61
CA VAL D 57 -5.24 15.78 -8.88
C VAL D 57 -4.47 17.00 -9.32
N LYS D 58 -4.32 17.14 -10.63
CA LYS D 58 -3.62 18.26 -11.25
C LYS D 58 -4.36 19.59 -11.02
N ASP D 59 -5.60 19.65 -11.50
CA ASP D 59 -6.44 20.84 -11.37
C ASP D 59 -7.40 20.65 -10.18
N ILE D 60 -6.95 21.02 -8.98
CA ILE D 60 -7.77 20.88 -7.78
C ILE D 60 -9.17 21.47 -7.91
N PHE D 61 -10.18 20.77 -7.36
CA PHE D 61 -11.57 21.21 -7.42
C PHE D 61 -12.14 21.55 -6.03
N THR D 62 -12.83 22.70 -5.93
CA THR D 62 -13.40 23.16 -4.66
C THR D 62 -14.43 22.20 -4.07
N GLU D 63 -14.75 22.42 -2.79
CA GLU D 63 -15.73 21.60 -2.07
C GLU D 63 -17.14 22.04 -2.46
N MET D 64 -17.36 23.35 -2.41
CA MET D 64 -18.64 23.98 -2.74
C MET D 64 -19.09 23.64 -4.17
N ALA D 65 -18.17 23.75 -5.11
CA ALA D 65 -18.47 23.49 -6.51
C ALA D 65 -18.65 22.01 -6.84
N ALA D 66 -19.24 21.75 -7.99
CA ALA D 66 -19.46 20.39 -8.45
C ALA D 66 -18.16 19.94 -9.13
N PRO D 67 -17.56 18.82 -8.64
CA PRO D 67 -16.31 18.25 -9.16
C PRO D 67 -16.14 18.13 -10.68
N LEU D 68 -17.25 18.02 -11.42
CA LEU D 68 -17.18 17.90 -12.88
C LEU D 68 -17.72 19.14 -13.60
N LYS D 69 -16.86 20.15 -13.74
CA LYS D 69 -17.23 21.39 -14.40
C LYS D 69 -16.92 21.34 -15.89
#